data_7C9X
#
_entry.id   7C9X
#
loop_
_entity.id
_entity.type
_entity.pdbx_description
1 polymer VP1
2 polymer VP2
3 polymer VP3
4 polymer VP4
5 non-polymer SPHINGOSINE
6 non-polymer 'MYRISTIC ACID'
#
loop_
_entity_poly.entity_id
_entity_poly.type
_entity_poly.pdbx_seq_one_letter_code
_entity_poly.pdbx_strand_id
1 'polypeptide(L)'
;GDVEEAIDRAVARVADTMPTGPRNTESVPALTAVETGHTSQVVPGDTMQTRHVKNYHSRTESSIENFLCRAACVYIATYK
SAGGTPTERYASWRINTRQMVQLRRKFELFTYLRFDMEITFVITSTQDPGTQLAQDMPVLTHQIMYIPPGGPVPNSATDF
AWQSSTNPSIFWTEGCAPARMSVPFISIGNAYSNFYDGWSHFTQEGVYGFNSLNNMGHIYVRHVNEQSLGVSTSTLRVYF
KPKHVRAWVPRPPRLSPYVKSSNVNFKPTAVTTERKDINDVGT
;
A
2 'polypeptide(L)'
;SPTVEECGFSDRVRSITLGNSTITTQECANVVVGYGVWPSYLQDNEATAEDQPTQPDVATCRFYTLDSIQWQKESDGWWW
KFPEALKNMGLFGQNMEYHYLGRSGYTIHVQCNASKFHQGCLLVVCVPEAEMGCSDVEREVVAASLSSEDTAKSFSRTES
NGQHTVQTVVYNAGMGVGVGNLTIFPHQWINLRTNNSATIVMPYINSVPMDNMFRHYNFTLMIIPFAKLEYTEQASNYVP
ITVTVAPMCAEYNGLRLASHQ
;
B
3 'polypeptide(L)'
;GLPTMLTPGSNQFLTSDDFQSPSAMPQFDVTPEMKIPGEVHNLMEIAEVDSVVPVNNTKENINSMEAYRIPVTGGDQLHT
QVFGFQMQPGLNSVFKRTLLGEILNYYAHWSGSVKLTFVFCGSAMATGKFLLAYSPPGASPPQNRKQAMLGTHVIWDVGL
QSSCVLCIPWISQTHYRLVQQDEYTSAGYVTCWYQTGLIVPPGAPPSCTILCFASACNDFSVRMLRDTPFIEQTQLLQ
;
C
4 'polypeptide(L)' GAQVSTQKTGAHETSLTASGNSTIHYTNINYYKDAASNSANRQDFTQDPSKFTEPMKDVMIKSLPALN D
#
# COMPACT_ATOMS: atom_id res chain seq x y z
N ALA A 10 -7.21 28.86 -2.74
CA ALA A 10 -6.16 28.46 -1.82
C ALA A 10 -5.66 27.05 -2.16
N VAL A 11 -4.74 26.56 -1.34
CA VAL A 11 -4.14 25.24 -1.51
C VAL A 11 -4.19 24.50 -0.17
N ALA A 12 -4.54 23.20 -0.21
CA ALA A 12 -5.00 22.50 -1.39
C ALA A 12 -6.42 22.03 -1.16
N ARG A 13 -7.38 22.85 -1.56
CA ARG A 13 -8.77 22.63 -1.19
C ARG A 13 -9.38 21.50 -2.00
N VAL A 14 -10.61 21.16 -1.66
CA VAL A 14 -11.34 20.10 -2.32
C VAL A 14 -12.31 20.72 -3.31
N ALA A 15 -12.85 19.89 -4.20
CA ALA A 15 -13.74 20.38 -5.25
C ALA A 15 -15.11 20.71 -4.70
N ASP A 16 -15.74 21.71 -5.31
CA ASP A 16 -17.09 22.10 -4.94
C ASP A 16 -18.10 21.29 -5.75
N THR A 17 -19.30 21.16 -5.21
CA THR A 17 -20.39 20.50 -5.91
C THR A 17 -21.19 21.55 -6.67
N MET A 18 -21.11 21.50 -7.99
CA MET A 18 -21.83 22.44 -8.83
C MET A 18 -23.32 22.09 -8.82
N PRO A 19 -24.21 23.08 -8.96
CA PRO A 19 -25.65 22.78 -8.84
C PRO A 19 -26.16 22.07 -10.08
N THR A 20 -27.20 21.27 -9.88
CA THR A 20 -27.71 20.35 -10.88
C THR A 20 -29.23 20.35 -10.85
N GLY A 21 -29.85 20.32 -12.03
CA GLY A 21 -31.28 20.18 -12.12
C GLY A 21 -31.67 18.79 -12.60
N PRO A 22 -32.91 18.61 -13.02
CA PRO A 22 -33.31 17.32 -13.58
C PRO A 22 -32.72 17.14 -14.97
N ARG A 23 -32.76 15.90 -15.46
CA ARG A 23 -32.16 15.57 -16.74
C ARG A 23 -32.83 14.35 -17.34
N ASN A 24 -32.71 14.22 -18.67
CA ASN A 24 -33.12 13.04 -19.42
C ASN A 24 -32.17 12.97 -20.60
N THR A 25 -31.06 12.26 -20.43
CA THR A 25 -29.96 12.29 -21.39
C THR A 25 -29.63 10.88 -21.86
N GLU A 26 -28.88 10.81 -22.96
CA GLU A 26 -28.22 9.58 -23.35
C GLU A 26 -26.87 9.42 -22.68
N SER A 27 -26.29 10.52 -22.21
CA SER A 27 -24.99 10.50 -21.55
C SER A 27 -25.19 10.09 -20.10
N VAL A 28 -25.18 8.79 -19.84
CA VAL A 28 -25.28 8.26 -18.49
C VAL A 28 -23.87 8.15 -17.91
N PRO A 29 -23.56 8.84 -16.81
CA PRO A 29 -22.22 8.73 -16.24
C PRO A 29 -22.10 7.65 -15.18
N ALA A 30 -23.21 7.12 -14.67
CA ALA A 30 -23.14 6.11 -13.63
C ALA A 30 -22.71 4.76 -14.19
N LEU A 31 -23.22 4.40 -15.36
CA LEU A 31 -22.87 3.12 -15.97
C LEU A 31 -21.45 3.16 -16.50
N THR A 32 -20.59 2.29 -15.98
CA THR A 32 -19.17 2.28 -16.32
C THR A 32 -18.72 0.83 -16.45
N ALA A 33 -17.41 0.62 -16.46
CA ALA A 33 -16.86 -0.73 -16.58
C ALA A 33 -15.56 -0.80 -15.78
N VAL A 34 -15.57 -1.58 -14.69
CA VAL A 34 -14.40 -1.74 -13.83
C VAL A 34 -13.35 -2.62 -14.48
N GLU A 35 -13.73 -3.40 -15.50
CA GLU A 35 -12.85 -4.35 -16.19
C GLU A 35 -11.64 -3.68 -16.82
N THR A 36 -11.73 -2.39 -17.15
CA THR A 36 -10.59 -1.61 -17.62
C THR A 36 -9.62 -1.26 -16.51
N GLY A 37 -9.90 -1.58 -15.25
CA GLY A 37 -9.02 -1.21 -14.17
C GLY A 37 -9.04 0.26 -13.84
N HIS A 38 -10.23 0.86 -13.81
CA HIS A 38 -10.41 2.30 -13.76
C HIS A 38 -11.37 2.65 -12.64
N THR A 39 -10.97 3.55 -11.76
CA THR A 39 -11.85 4.06 -10.73
C THR A 39 -12.61 5.26 -11.29
N SER A 40 -13.92 5.25 -11.12
CA SER A 40 -14.77 6.22 -11.78
C SER A 40 -14.63 7.61 -11.17
N GLN A 41 -14.86 8.63 -11.99
CA GLN A 41 -14.78 10.03 -11.58
C GLN A 41 -16.15 10.63 -11.30
N VAL A 42 -17.10 9.81 -10.89
CA VAL A 42 -18.48 10.25 -10.73
C VAL A 42 -18.61 11.06 -9.45
N VAL A 43 -19.01 12.31 -9.58
CA VAL A 43 -19.29 13.19 -8.45
C VAL A 43 -20.78 13.05 -8.17
N PRO A 44 -21.31 13.49 -7.02
CA PRO A 44 -22.76 13.29 -6.76
C PRO A 44 -23.71 14.02 -7.71
N GLY A 45 -23.24 14.99 -8.49
CA GLY A 45 -24.11 15.69 -9.40
C GLY A 45 -24.56 14.90 -10.61
N ASP A 46 -24.05 13.69 -10.81
CA ASP A 46 -24.47 12.88 -11.95
C ASP A 46 -25.66 11.98 -11.63
N THR A 47 -25.85 11.62 -10.36
CA THR A 47 -26.92 10.69 -10.00
C THR A 47 -28.05 11.34 -9.22
N MET A 48 -27.92 12.59 -8.81
CA MET A 48 -28.98 13.27 -8.09
C MET A 48 -28.84 14.78 -8.28
N GLN A 49 -29.89 15.50 -7.91
CA GLN A 49 -29.88 16.95 -7.95
C GLN A 49 -29.14 17.47 -6.73
N THR A 50 -28.11 18.28 -6.96
CA THR A 50 -27.33 18.88 -5.88
C THR A 50 -27.45 20.40 -5.95
N ARG A 51 -26.90 21.04 -4.93
CA ARG A 51 -26.90 22.49 -4.81
C ARG A 51 -25.47 23.01 -4.79
N HIS A 52 -25.32 24.28 -5.11
CA HIS A 52 -24.00 24.90 -5.14
C HIS A 52 -23.55 25.19 -3.72
N VAL A 53 -22.60 24.40 -3.22
CA VAL A 53 -21.95 24.72 -1.96
C VAL A 53 -20.50 25.07 -2.25
N LYS A 54 -19.95 25.95 -1.44
CA LYS A 54 -18.55 26.35 -1.55
C LYS A 54 -17.79 25.58 -0.48
N ASN A 55 -17.22 24.45 -0.88
CA ASN A 55 -16.50 23.58 0.04
C ASN A 55 -15.16 24.22 0.37
N TYR A 56 -14.96 24.56 1.64
CA TYR A 56 -13.74 25.22 2.09
C TYR A 56 -12.80 24.26 2.80
N HIS A 57 -13.07 22.95 2.75
CA HIS A 57 -12.18 21.99 3.36
C HIS A 57 -10.90 21.87 2.56
N SER A 58 -9.87 21.29 3.17
CA SER A 58 -8.57 21.16 2.55
C SER A 58 -8.00 19.79 2.87
N ARG A 59 -6.90 19.47 2.21
CA ARG A 59 -6.22 18.19 2.43
C ARG A 59 -4.80 18.43 2.89
N THR A 60 -4.61 19.41 3.77
CA THR A 60 -3.27 19.72 4.27
C THR A 60 -2.82 18.69 5.30
N GLU A 61 -3.76 18.14 6.05
CA GLU A 61 -3.47 17.18 7.10
C GLU A 61 -3.25 15.77 6.54
N SER A 62 -3.52 15.56 5.26
CA SER A 62 -3.44 14.25 4.64
C SER A 62 -2.32 14.13 3.61
N SER A 63 -1.37 15.05 3.62
CA SER A 63 -0.24 14.98 2.71
C SER A 63 0.77 13.96 3.22
N ILE A 64 1.83 13.73 2.45
CA ILE A 64 2.86 12.79 2.88
C ILE A 64 3.70 13.37 4.00
N GLU A 65 4.00 14.66 3.93
CA GLU A 65 4.86 15.26 4.93
C GLU A 65 4.15 15.45 6.26
N ASN A 66 2.85 15.73 6.25
CA ASN A 66 2.14 15.85 7.51
C ASN A 66 1.78 14.51 8.12
N PHE A 67 1.85 13.44 7.34
CA PHE A 67 1.52 12.10 7.82
C PHE A 67 2.69 11.41 8.51
N LEU A 68 3.91 11.68 8.06
CA LEU A 68 5.08 10.96 8.55
C LEU A 68 5.95 11.78 9.48
N CYS A 69 5.81 13.10 9.52
CA CYS A 69 6.65 13.95 10.37
C CYS A 69 6.14 13.98 11.82
N ARG A 70 6.04 12.80 12.42
CA ARG A 70 5.69 12.66 13.82
C ARG A 70 6.59 11.60 14.42
N ALA A 71 7.24 11.91 15.53
CA ALA A 71 8.26 11.03 16.09
C ALA A 71 7.64 9.77 16.68
N ALA A 72 8.26 8.63 16.41
CA ALA A 72 7.80 7.35 16.93
C ALA A 72 8.98 6.58 17.48
N CYS A 73 8.72 5.80 18.53
CA CYS A 73 9.77 5.02 19.16
C CYS A 73 10.15 3.84 18.26
N VAL A 74 11.44 3.51 18.23
CA VAL A 74 11.94 2.47 17.35
C VAL A 74 12.74 1.42 18.11
N TYR A 75 13.16 1.75 19.34
CA TYR A 75 13.90 0.81 20.16
C TYR A 75 13.79 1.17 21.62
N ILE A 76 13.98 0.18 22.49
CA ILE A 76 14.06 0.35 23.93
C ILE A 76 15.25 -0.48 24.40
N ALA A 77 16.29 0.17 24.90
CA ALA A 77 17.53 -0.50 25.25
C ALA A 77 17.90 -0.18 26.69
N THR A 78 18.29 -1.20 27.45
CA THR A 78 18.68 -1.03 28.84
C THR A 78 20.14 -1.40 29.04
N TYR A 79 20.77 -0.76 30.01
CA TYR A 79 22.18 -0.98 30.31
C TYR A 79 22.43 -0.60 31.76
N LYS A 80 23.47 -1.18 32.35
CA LYS A 80 23.75 -1.06 33.77
C LYS A 80 24.95 -0.15 34.02
N SER A 81 25.33 -0.06 35.29
CA SER A 81 26.56 0.60 35.70
C SER A 81 27.24 -0.26 36.78
N ALA A 82 27.06 -1.56 36.69
CA ALA A 82 27.42 -2.52 37.72
C ALA A 82 28.86 -2.97 37.55
N GLY A 83 29.24 -4.00 38.31
CA GLY A 83 30.49 -4.71 38.13
C GLY A 83 30.21 -6.15 37.73
N GLY A 84 31.00 -6.65 36.79
CA GLY A 84 30.72 -7.98 36.28
C GLY A 84 29.67 -7.96 35.19
N THR A 85 29.71 -9.00 34.33
CA THR A 85 28.95 -9.17 33.09
C THR A 85 29.05 -7.92 32.22
N PRO A 86 30.18 -7.71 31.53
CA PRO A 86 30.39 -6.45 30.79
C PRO A 86 29.49 -6.28 29.57
N THR A 87 28.68 -7.27 29.21
CA THR A 87 27.69 -7.07 28.14
C THR A 87 26.51 -6.25 28.65
N GLU A 88 26.30 -6.20 29.96
CA GLU A 88 25.19 -5.44 30.51
C GLU A 88 25.58 -3.99 30.79
N ARG A 89 26.86 -3.67 30.63
CA ARG A 89 27.34 -2.33 30.95
C ARG A 89 27.09 -1.35 29.81
N TYR A 90 26.60 -1.84 28.68
CA TYR A 90 26.31 -1.03 27.51
C TYR A 90 25.21 -1.70 26.71
N ALA A 91 24.63 -0.97 25.77
CA ALA A 91 23.58 -1.53 24.94
C ALA A 91 23.94 -1.42 23.46
N SER A 92 23.31 -2.27 22.66
CA SER A 92 23.58 -2.33 21.24
C SER A 92 22.26 -2.24 20.48
N TRP A 93 22.35 -1.80 19.23
CA TRP A 93 21.20 -1.79 18.34
C TRP A 93 21.68 -1.77 16.91
N ARG A 94 21.43 -2.84 16.16
CA ARG A 94 21.49 -2.75 14.71
C ARG A 94 20.28 -1.97 14.25
N ILE A 95 20.51 -0.92 13.46
CA ILE A 95 19.49 0.09 13.24
C ILE A 95 18.40 -0.45 12.32
N ASN A 96 17.16 -0.44 12.83
CA ASN A 96 16.01 -1.01 12.14
C ASN A 96 14.85 -0.02 12.22
N THR A 97 13.85 -0.25 11.38
CA THR A 97 12.53 0.34 11.53
C THR A 97 11.49 -0.75 11.55
N ARG A 98 11.84 -1.91 12.11
CA ARG A 98 10.99 -3.08 12.13
C ARG A 98 10.66 -3.59 13.53
N GLN A 99 11.31 -3.09 14.57
CA GLN A 99 11.13 -3.67 15.89
C GLN A 99 9.91 -3.14 16.61
N MET A 100 9.58 -1.87 16.45
CA MET A 100 8.35 -1.30 16.98
C MET A 100 7.33 -1.20 15.86
N VAL A 101 6.11 -1.63 16.14
CA VAL A 101 5.13 -1.91 15.08
C VAL A 101 4.46 -0.64 14.57
N GLN A 102 4.31 0.38 15.43
CA GLN A 102 3.52 1.56 15.06
C GLN A 102 4.18 2.36 13.95
N LEU A 103 5.51 2.38 13.90
CA LEU A 103 6.21 3.00 12.78
C LEU A 103 6.47 2.01 11.65
N ARG A 104 6.53 0.72 11.94
CA ARG A 104 6.73 -0.28 10.90
C ARG A 104 5.53 -0.35 9.97
N ARG A 105 4.33 -0.21 10.51
CA ARG A 105 3.13 -0.32 9.68
C ARG A 105 2.92 0.94 8.84
N LYS A 106 3.33 2.09 9.37
CA LYS A 106 3.16 3.35 8.63
C LYS A 106 4.14 3.43 7.47
N PHE A 107 5.37 2.93 7.65
CA PHE A 107 6.32 2.86 6.54
C PHE A 107 5.89 1.87 5.48
N GLU A 108 5.30 0.74 5.88
CA GLU A 108 5.04 -0.35 4.95
C GLU A 108 3.76 -0.18 4.15
N LEU A 109 3.19 1.02 4.13
CA LEU A 109 2.18 1.36 3.14
C LEU A 109 2.80 1.79 1.82
N PHE A 110 4.11 2.02 1.78
CA PHE A 110 4.82 2.43 0.58
C PHE A 110 5.98 1.48 0.35
N THR A 111 6.33 1.28 -0.93
CA THR A 111 7.43 0.39 -1.25
C THR A 111 8.77 1.08 -1.03
N TYR A 112 8.91 2.30 -1.51
CA TYR A 112 10.17 3.04 -1.43
C TYR A 112 9.96 4.33 -0.66
N LEU A 113 11.05 4.81 -0.05
CA LEU A 113 11.02 5.99 0.79
C LEU A 113 12.36 6.69 0.74
N ARG A 114 12.35 8.02 0.66
CA ARG A 114 13.56 8.82 0.68
C ARG A 114 13.31 10.03 1.53
N PHE A 115 14.08 10.20 2.60
CA PHE A 115 13.79 11.26 3.55
C PHE A 115 15.05 11.59 4.34
N ASP A 116 15.00 12.72 5.04
CA ASP A 116 15.93 13.05 6.10
C ASP A 116 15.29 12.66 7.43
N MET A 117 16.00 12.90 8.54
CA MET A 117 15.50 12.42 9.81
C MET A 117 16.07 13.24 10.95
N GLU A 118 15.27 13.41 12.01
CA GLU A 118 15.73 13.83 13.31
C GLU A 118 15.63 12.64 14.27
N ILE A 119 16.63 12.49 15.13
CA ILE A 119 16.71 11.34 16.03
C ILE A 119 16.83 11.85 17.46
N THR A 120 15.83 11.55 18.28
CA THR A 120 15.76 12.04 19.64
C THR A 120 15.97 10.88 20.61
N PHE A 121 16.86 11.06 21.57
CA PHE A 121 17.19 10.05 22.57
C PHE A 121 16.57 10.45 23.91
N VAL A 122 15.74 9.58 24.46
CA VAL A 122 15.09 9.80 25.76
C VAL A 122 15.66 8.78 26.72
N ILE A 123 16.53 9.23 27.63
CA ILE A 123 17.17 8.35 28.60
C ILE A 123 16.55 8.62 29.97
N THR A 124 16.15 7.55 30.65
CA THR A 124 15.49 7.63 31.94
C THR A 124 16.05 6.57 32.85
N SER A 125 16.65 6.97 33.97
CA SER A 125 17.35 6.06 34.85
C SER A 125 16.55 5.76 36.12
N THR A 126 17.09 4.86 36.92
CA THR A 126 16.59 4.56 38.25
C THR A 126 17.75 3.99 39.06
N GLN A 127 17.49 3.75 40.35
CA GLN A 127 18.48 3.19 41.24
C GLN A 127 18.22 1.72 41.46
N ASP A 128 19.22 0.89 41.27
CA ASP A 128 19.06 -0.54 41.43
C ASP A 128 19.07 -0.92 42.91
N PRO A 129 18.27 -1.91 43.31
CA PRO A 129 18.19 -2.27 44.74
C PRO A 129 19.40 -3.05 45.24
N GLY A 130 19.33 -3.49 46.49
CA GLY A 130 20.40 -4.25 47.10
C GLY A 130 21.09 -3.46 48.20
N THR A 131 22.03 -4.14 48.86
CA THR A 131 22.82 -3.50 49.89
C THR A 131 23.88 -2.61 49.24
N GLN A 132 24.47 -1.74 50.08
CA GLN A 132 25.51 -0.77 49.71
C GLN A 132 25.01 0.16 48.61
N LEU A 133 24.00 0.95 48.95
CA LEU A 133 23.41 1.91 48.03
C LEU A 133 24.29 3.16 47.95
N ALA A 134 23.83 4.14 47.18
CA ALA A 134 24.66 5.31 46.87
C ALA A 134 24.53 6.42 47.90
N GLN A 135 23.30 6.93 48.07
CA GLN A 135 22.83 7.95 49.01
C GLN A 135 23.33 9.36 48.72
N ASP A 136 24.29 9.51 47.80
CA ASP A 136 24.73 10.82 47.33
C ASP A 136 25.43 10.60 45.99
N MET A 137 24.72 10.90 44.90
CA MET A 137 25.34 10.69 43.60
C MET A 137 25.29 11.95 42.76
N PRO A 138 26.35 12.27 42.02
CA PRO A 138 26.26 13.33 41.02
C PRO A 138 25.43 12.92 39.82
N VAL A 139 25.26 13.82 38.85
CA VAL A 139 24.45 13.53 37.69
C VAL A 139 25.16 12.53 36.78
N LEU A 140 24.38 11.82 35.99
CA LEU A 140 24.92 10.84 35.06
C LEU A 140 25.11 11.46 33.69
N THR A 141 26.04 10.89 32.92
CA THR A 141 26.33 11.36 31.58
C THR A 141 26.46 10.15 30.67
N HIS A 142 25.87 10.25 29.48
CA HIS A 142 25.76 9.13 28.56
C HIS A 142 26.40 9.50 27.23
N GLN A 143 27.09 8.53 26.62
CA GLN A 143 27.69 8.69 25.31
C GLN A 143 27.00 7.76 24.33
N ILE A 144 26.50 8.31 23.23
CA ILE A 144 25.65 7.56 22.29
C ILE A 144 26.37 7.59 20.93
N MET A 145 27.20 6.59 20.69
CA MET A 145 28.07 6.53 19.53
C MET A 145 27.40 5.80 18.38
N TYR A 146 27.47 6.39 17.19
CA TYR A 146 26.98 5.76 15.98
C TYR A 146 28.17 5.21 15.20
N ILE A 147 28.13 3.93 14.90
CA ILE A 147 29.22 3.25 14.19
C ILE A 147 28.73 2.95 12.77
N PRO A 148 29.26 3.62 11.75
CA PRO A 148 28.96 3.26 10.36
C PRO A 148 29.47 1.85 10.05
N PRO A 149 28.88 1.16 9.03
CA PRO A 149 29.12 -0.29 8.89
C PRO A 149 30.55 -0.71 8.59
N GLY A 150 31.16 -1.40 9.55
CA GLY A 150 32.52 -1.88 9.44
C GLY A 150 33.46 -1.35 10.49
N GLY A 151 33.02 -0.47 11.39
CA GLY A 151 33.90 0.20 12.31
C GLY A 151 34.27 -0.67 13.50
N PRO A 152 35.11 -0.14 14.38
CA PRO A 152 35.52 -0.88 15.58
C PRO A 152 34.40 -0.94 16.60
N VAL A 153 33.97 -2.15 16.91
CA VAL A 153 32.92 -2.38 17.90
C VAL A 153 33.53 -2.40 19.29
N PRO A 154 33.00 -1.64 20.25
CA PRO A 154 33.49 -1.73 21.64
C PRO A 154 33.07 -3.05 22.27
N ASN A 155 34.02 -3.73 22.89
CA ASN A 155 33.71 -4.98 23.57
C ASN A 155 33.04 -4.76 24.91
N SER A 156 33.31 -3.64 25.57
CA SER A 156 32.70 -3.31 26.85
C SER A 156 32.78 -1.80 27.03
N ALA A 157 32.29 -1.33 28.17
CA ALA A 157 32.56 0.04 28.57
C ALA A 157 34.03 0.16 28.99
N THR A 158 34.51 1.40 29.01
CA THR A 158 35.93 1.75 29.17
C THR A 158 36.79 1.00 28.16
N ASP A 159 36.53 1.26 26.88
CA ASP A 159 37.25 0.65 25.77
C ASP A 159 37.94 1.73 24.95
N PHE A 160 38.83 1.31 24.08
CA PHE A 160 39.51 2.24 23.19
C PHE A 160 38.60 2.76 22.09
N ALA A 161 37.54 2.03 21.76
CA ALA A 161 36.65 2.44 20.68
C ALA A 161 35.69 3.54 21.08
N TRP A 162 35.68 3.94 22.35
CA TRP A 162 34.84 5.04 22.81
C TRP A 162 35.52 6.39 22.65
N GLN A 163 36.70 6.44 22.03
CA GLN A 163 37.33 7.72 21.71
C GLN A 163 36.54 8.45 20.64
N SER A 164 36.22 7.75 19.54
CA SER A 164 35.36 8.20 18.45
C SER A 164 35.91 9.48 17.80
N SER A 165 37.09 9.34 17.20
CA SER A 165 37.68 10.46 16.48
C SER A 165 36.94 10.73 15.17
N THR A 166 36.30 9.71 14.59
CA THR A 166 35.50 9.88 13.39
C THR A 166 34.05 9.46 13.53
N ASN A 167 33.73 8.58 14.47
CA ASN A 167 32.34 8.22 14.70
C ASN A 167 31.63 9.37 15.40
N PRO A 168 30.44 9.79 14.95
CA PRO A 168 29.72 10.85 15.64
C PRO A 168 29.16 10.37 16.97
N SER A 169 29.49 11.09 18.04
CA SER A 169 29.05 10.77 19.38
C SER A 169 28.45 12.03 20.02
N ILE A 170 27.43 11.85 20.84
CA ILE A 170 26.82 12.95 21.56
C ILE A 170 26.85 12.62 23.05
N PHE A 171 27.31 13.58 23.86
CA PHE A 171 27.41 13.42 25.30
C PHE A 171 26.28 14.22 25.93
N TRP A 172 25.59 13.61 26.90
CA TRP A 172 24.36 14.18 27.42
C TRP A 172 24.26 13.91 28.91
N THR A 173 24.22 14.98 29.70
CA THR A 173 24.01 14.89 31.14
C THR A 173 22.53 14.81 31.46
N GLU A 174 22.21 14.10 32.53
CA GLU A 174 20.83 13.89 32.91
C GLU A 174 20.26 15.13 33.59
N GLY A 175 19.04 15.49 33.20
CA GLY A 175 18.38 16.68 33.71
C GLY A 175 18.12 17.74 32.67
N CYS A 176 18.74 17.67 31.50
CA CYS A 176 18.58 18.66 30.45
C CYS A 176 17.55 18.17 29.43
N ALA A 177 17.46 18.89 28.31
CA ALA A 177 16.60 18.50 27.22
C ALA A 177 17.15 17.25 26.53
N PRO A 178 16.30 16.47 25.87
CA PRO A 178 16.79 15.28 25.16
C PRO A 178 17.69 15.63 23.98
N ALA A 179 18.64 14.74 23.73
CA ALA A 179 19.60 14.94 22.65
C ALA A 179 18.93 14.74 21.30
N ARG A 180 19.34 15.54 20.31
CA ARG A 180 18.68 15.53 19.02
C ARG A 180 19.66 16.01 17.96
N MET A 181 19.76 15.26 16.86
CA MET A 181 20.57 15.64 15.73
C MET A 181 19.83 15.28 14.45
N SER A 182 20.36 15.76 13.32
CA SER A 182 19.77 15.52 12.02
C SER A 182 20.66 14.61 11.20
N VAL A 183 20.03 13.80 10.35
CA VAL A 183 20.72 12.81 9.54
C VAL A 183 20.20 12.90 8.11
N PRO A 184 21.07 13.01 7.10
CA PRO A 184 20.60 13.05 5.71
C PRO A 184 20.16 11.70 5.17
N PHE A 185 19.85 11.65 3.87
CA PHE A 185 19.50 10.40 3.20
C PHE A 185 20.78 9.61 2.97
N ILE A 186 21.06 8.65 3.85
CA ILE A 186 22.37 8.02 3.92
C ILE A 186 22.38 6.65 3.23
N SER A 187 21.42 6.37 2.36
CA SER A 187 21.37 5.06 1.74
C SER A 187 22.38 4.94 0.60
N ILE A 188 22.64 3.70 0.20
CA ILE A 188 23.51 3.44 -0.94
C ILE A 188 22.76 3.70 -2.24
N GLY A 189 21.53 3.21 -2.34
CA GLY A 189 20.73 3.42 -3.52
C GLY A 189 20.09 4.80 -3.58
N ASN A 190 18.86 4.87 -4.10
CA ASN A 190 18.16 6.14 -4.25
C ASN A 190 16.86 6.19 -3.48
N ALA A 191 16.57 5.16 -2.68
CA ALA A 191 15.34 5.07 -1.89
C ALA A 191 15.52 3.95 -0.87
N TYR A 192 15.05 4.18 0.35
CA TYR A 192 15.00 3.12 1.36
C TYR A 192 13.96 2.10 0.93
N SER A 193 14.42 0.94 0.46
CA SER A 193 13.51 -0.11 0.04
C SER A 193 12.92 -0.78 1.27
N ASN A 194 11.62 -0.56 1.51
CA ASN A 194 10.95 -1.26 2.60
C ASN A 194 10.73 -2.72 2.27
N PHE A 195 10.62 -3.06 0.99
CA PHE A 195 10.40 -4.41 0.54
C PHE A 195 11.45 -4.76 -0.50
N TYR A 196 11.96 -5.99 -0.45
CA TYR A 196 12.98 -6.44 -1.38
C TYR A 196 12.68 -7.90 -1.71
N ASP A 197 12.00 -8.12 -2.83
CA ASP A 197 11.66 -9.46 -3.28
C ASP A 197 12.88 -10.04 -3.98
N GLY A 198 13.76 -10.67 -3.21
CA GLY A 198 14.96 -11.23 -3.81
C GLY A 198 15.86 -11.82 -2.75
N TRP A 199 17.08 -12.12 -3.17
CA TRP A 199 18.07 -12.83 -2.38
C TRP A 199 19.30 -11.95 -2.20
N SER A 200 20.32 -12.51 -1.55
CA SER A 200 21.58 -11.82 -1.35
C SER A 200 22.69 -12.34 -2.26
N HIS A 201 22.71 -13.64 -2.54
CA HIS A 201 23.67 -14.23 -3.46
C HIS A 201 23.04 -14.42 -4.83
N PHE A 202 23.88 -14.38 -5.87
CA PHE A 202 23.42 -14.50 -7.24
C PHE A 202 22.98 -15.91 -7.61
N THR A 203 23.24 -16.90 -6.76
CA THR A 203 22.80 -18.27 -6.99
C THR A 203 21.44 -18.56 -6.39
N GLN A 204 20.68 -17.51 -6.05
CA GLN A 204 19.36 -17.59 -5.40
C GLN A 204 19.43 -18.38 -4.10
N GLU A 205 20.37 -17.99 -3.24
CA GLU A 205 20.59 -18.60 -1.94
C GLU A 205 20.94 -17.50 -0.95
N GLY A 206 20.69 -17.78 0.33
CA GLY A 206 21.11 -16.85 1.36
C GLY A 206 19.97 -16.28 2.18
N VAL A 207 19.82 -14.95 2.15
CA VAL A 207 18.86 -14.25 2.97
C VAL A 207 17.80 -13.66 2.05
N TYR A 208 16.59 -14.21 2.11
CA TYR A 208 15.47 -13.69 1.35
C TYR A 208 14.80 -12.59 2.16
N GLY A 209 14.73 -11.39 1.60
CA GLY A 209 14.00 -10.31 2.22
C GLY A 209 14.83 -9.06 2.32
N PHE A 210 14.32 -8.11 3.10
CA PHE A 210 14.93 -6.79 3.22
C PHE A 210 16.13 -6.77 4.16
N ASN A 211 16.41 -7.86 4.86
CA ASN A 211 17.47 -7.84 5.87
C ASN A 211 18.86 -7.80 5.25
N SER A 212 18.99 -8.12 3.97
CA SER A 212 20.28 -7.97 3.29
C SER A 212 20.52 -6.53 2.86
N LEU A 213 19.46 -5.76 2.63
CA LEU A 213 19.60 -4.37 2.22
C LEU A 213 19.85 -3.44 3.40
N ASN A 214 19.53 -3.86 4.61
CA ASN A 214 19.73 -3.04 5.80
C ASN A 214 21.20 -3.08 6.18
N ASN A 215 21.96 -2.10 5.68
CA ASN A 215 23.34 -1.87 6.08
C ASN A 215 23.46 -0.40 6.46
N MET A 216 23.07 -0.09 7.70
CA MET A 216 23.07 1.28 8.18
C MET A 216 24.00 1.49 9.37
N GLY A 217 24.48 0.43 9.99
CA GLY A 217 25.40 0.54 11.12
C GLY A 217 24.72 0.21 12.42
N HIS A 218 25.45 0.48 13.50
CA HIS A 218 25.01 0.15 14.85
C HIS A 218 24.96 1.42 15.70
N ILE A 219 24.39 1.28 16.90
CA ILE A 219 24.29 2.36 17.87
C ILE A 219 24.67 1.80 19.23
N TYR A 220 25.61 2.44 19.90
CA TYR A 220 26.10 1.99 21.20
C TYR A 220 25.95 3.12 22.22
N VAL A 221 25.48 2.76 23.41
CA VAL A 221 25.21 3.73 24.46
C VAL A 221 25.76 3.18 25.77
N ARG A 222 26.36 4.06 26.58
CA ARG A 222 27.02 3.64 27.81
C ARG A 222 27.00 4.77 28.82
N HIS A 223 27.39 4.45 30.05
CA HIS A 223 27.70 5.45 31.07
C HIS A 223 29.18 5.77 31.00
N VAL A 224 29.51 7.06 30.93
CA VAL A 224 30.92 7.45 30.95
C VAL A 224 31.47 7.57 32.36
N ASN A 225 30.64 7.28 33.36
CA ASN A 225 31.05 7.36 34.77
C ASN A 225 30.97 6.08 35.60
N GLU A 226 32.05 5.76 36.30
CA GLU A 226 32.17 4.57 37.16
C GLU A 226 31.24 4.52 38.38
N GLN A 227 31.06 5.66 39.04
CA GLN A 227 30.23 5.76 40.25
C GLN A 227 30.98 5.23 41.47
N SER A 228 31.38 3.96 41.44
CA SER A 228 32.16 3.35 42.54
C SER A 228 31.44 2.93 43.83
N LEU A 229 30.11 2.91 43.86
CA LEU A 229 29.41 2.49 45.06
C LEU A 229 28.27 1.53 44.75
N GLY A 230 27.43 1.89 43.79
CA GLY A 230 26.25 1.11 43.49
C GLY A 230 25.94 1.01 42.02
N VAL A 231 24.74 0.53 41.70
CA VAL A 231 24.32 0.26 40.33
C VAL A 231 23.12 1.15 40.01
N SER A 232 23.09 1.70 38.80
CA SER A 232 21.95 2.48 38.34
C SER A 232 21.66 2.08 36.89
N THR A 233 20.51 1.47 36.65
CA THR A 233 20.12 1.11 35.30
C THR A 233 19.55 2.31 34.57
N SER A 234 19.60 2.27 33.25
CA SER A 234 19.09 3.35 32.40
C SER A 234 18.44 2.74 31.17
N THR A 235 17.48 3.47 30.61
CA THR A 235 16.68 2.98 29.49
C THR A 235 16.72 3.99 28.36
N LEU A 236 17.42 3.65 27.28
CA LEU A 236 17.48 4.51 26.10
C LEU A 236 16.30 4.21 25.19
N ARG A 237 15.54 5.24 24.84
CA ARG A 237 14.45 5.13 23.89
C ARG A 237 14.74 6.04 22.70
N VAL A 238 14.85 5.44 21.52
CA VAL A 238 15.21 6.15 20.31
C VAL A 238 13.93 6.52 19.57
N TYR A 239 13.89 7.74 19.02
CA TYR A 239 12.71 8.26 18.35
C TYR A 239 13.09 8.74 16.96
N PHE A 240 12.27 8.40 15.96
CA PHE A 240 12.56 8.68 14.57
C PHE A 240 11.47 9.58 13.99
N LYS A 241 11.87 10.71 13.43
CA LYS A 241 10.94 11.60 12.74
C LYS A 241 11.43 11.83 11.31
N PRO A 242 10.83 11.17 10.31
CA PRO A 242 11.29 11.36 8.93
C PRO A 242 10.72 12.65 8.34
N LYS A 243 11.62 13.52 7.88
CA LYS A 243 11.24 14.76 7.24
C LYS A 243 11.82 14.81 5.83
N HIS A 244 11.29 15.76 5.05
CA HIS A 244 11.60 15.94 3.62
C HIS A 244 11.32 14.65 2.84
N VAL A 245 10.10 14.15 2.99
CA VAL A 245 9.76 12.78 2.62
C VAL A 245 9.19 12.76 1.21
N ARG A 246 9.76 11.90 0.36
CA ARG A 246 9.15 11.50 -0.89
C ARG A 246 8.91 9.99 -0.83
N ALA A 247 7.77 9.54 -1.35
CA ALA A 247 7.41 8.14 -1.27
C ALA A 247 6.86 7.67 -2.61
N TRP A 248 7.07 6.39 -2.90
CA TRP A 248 6.67 5.82 -4.18
C TRP A 248 5.98 4.48 -3.95
N VAL A 249 5.15 4.10 -4.93
CA VAL A 249 4.53 2.78 -5.09
C VAL A 249 3.77 2.35 -3.83
N PRO A 250 2.57 2.89 -3.59
CA PRO A 250 1.86 2.58 -2.35
C PRO A 250 1.34 1.15 -2.32
N ARG A 251 1.45 0.52 -1.16
CA ARG A 251 1.11 -0.86 -0.87
C ARG A 251 -0.19 -0.93 -0.09
N PRO A 252 -0.87 -2.08 -0.08
CA PRO A 252 -1.96 -2.28 0.86
C PRO A 252 -1.45 -2.34 2.29
N PRO A 253 -2.21 -1.83 3.25
CA PRO A 253 -1.81 -1.96 4.65
C PRO A 253 -1.91 -3.40 5.13
N ARG A 254 -1.14 -3.70 6.15
CA ARG A 254 -1.02 -5.08 6.59
C ARG A 254 -2.26 -5.52 7.38
N LEU A 255 -2.52 -6.81 7.33
CA LEU A 255 -3.70 -7.41 7.95
C LEU A 255 -3.35 -8.29 9.13
N SER A 256 -2.45 -9.25 8.96
CA SER A 256 -2.03 -10.14 10.02
C SER A 256 -0.97 -9.47 10.89
N PRO A 257 -0.88 -9.82 12.17
CA PRO A 257 0.14 -9.22 13.03
C PRO A 257 1.54 -9.73 12.72
N TYR A 258 2.51 -8.85 12.93
CA TYR A 258 3.91 -9.20 12.69
C TYR A 258 4.39 -10.23 13.70
N VAL A 259 5.37 -11.03 13.28
CA VAL A 259 6.01 -12.01 14.16
C VAL A 259 7.49 -11.72 14.32
N LYS A 260 8.22 -11.59 13.21
CA LYS A 260 9.66 -11.41 13.23
C LYS A 260 10.04 -10.00 12.81
N SER A 261 11.24 -9.58 13.21
CA SER A 261 11.78 -8.28 12.86
C SER A 261 12.59 -8.30 11.59
N SER A 262 12.69 -9.45 10.92
CA SER A 262 13.48 -9.58 9.70
C SER A 262 12.70 -10.28 8.59
N ASN A 263 11.40 -10.49 8.77
CA ASN A 263 10.60 -11.25 7.84
C ASN A 263 9.25 -10.60 7.66
N VAL A 264 8.57 -10.99 6.59
CA VAL A 264 7.16 -10.71 6.42
C VAL A 264 6.31 -11.95 6.72
N ASN A 265 6.87 -12.91 7.47
CA ASN A 265 6.17 -14.12 7.84
C ASN A 265 4.99 -13.81 8.75
N PHE A 266 3.94 -14.61 8.62
CA PHE A 266 2.67 -14.33 9.30
C PHE A 266 1.94 -15.65 9.55
N LYS A 267 0.77 -15.53 10.14
CA LYS A 267 -0.23 -16.56 10.24
C LYS A 267 -1.53 -16.06 9.62
N PRO A 268 -2.24 -16.89 8.85
CA PRO A 268 -3.36 -16.38 8.03
C PRO A 268 -4.55 -15.98 8.88
N THR A 269 -4.90 -14.71 8.81
CA THR A 269 -5.99 -14.14 9.58
C THR A 269 -7.21 -13.91 8.70
N ALA A 270 -8.35 -13.75 9.34
CA ALA A 270 -9.59 -13.45 8.63
C ALA A 270 -9.53 -12.04 8.05
N VAL A 271 -10.33 -11.81 7.01
CA VAL A 271 -10.25 -10.55 6.29
C VAL A 271 -10.87 -9.40 7.07
N THR A 272 -11.94 -9.66 7.82
CA THR A 272 -12.61 -8.66 8.65
C THR A 272 -13.11 -9.33 9.93
N THR A 273 -13.89 -8.59 10.69
CA THR A 273 -14.61 -9.13 11.83
C THR A 273 -15.99 -9.56 11.38
N GLU A 274 -16.54 -10.56 12.05
CA GLU A 274 -17.79 -11.16 11.62
C GLU A 274 -18.97 -10.25 11.96
N ARG A 275 -20.08 -10.50 11.27
CA ARG A 275 -21.35 -9.87 11.58
C ARG A 275 -22.46 -10.90 11.36
N LYS A 276 -23.67 -10.57 11.82
CA LYS A 276 -24.71 -11.58 11.95
C LYS A 276 -25.28 -12.00 10.61
N ASP A 277 -25.59 -11.05 9.74
CA ASP A 277 -26.20 -11.37 8.45
C ASP A 277 -25.61 -10.45 7.40
N ILE A 278 -25.87 -10.79 6.13
CA ILE A 278 -25.41 -9.95 5.03
C ILE A 278 -26.21 -8.65 4.99
N ASN A 279 -27.50 -8.73 5.30
CA ASN A 279 -28.35 -7.55 5.46
C ASN A 279 -28.56 -7.30 6.95
N ASP A 280 -27.59 -6.61 7.56
CA ASP A 280 -27.50 -6.40 9.00
C ASP A 280 -27.40 -4.92 9.33
N VAL A 281 -28.35 -4.14 8.79
CA VAL A 281 -28.39 -2.71 9.05
C VAL A 281 -28.62 -2.36 10.51
N GLY A 282 -29.14 -3.29 11.31
CA GLY A 282 -29.28 -3.03 12.72
C GLY A 282 -27.94 -3.05 13.45
N THR A 283 -27.92 -2.48 14.66
CA THR A 283 -29.08 -1.85 15.29
C THR A 283 -28.83 -0.36 15.51
N ASP B 11 -12.91 1.56 -27.77
CA ASP B 11 -13.24 0.52 -28.74
C ASP B 11 -12.72 -0.81 -28.20
N ARG B 12 -13.18 -1.92 -28.77
CA ARG B 12 -12.94 -3.23 -28.20
C ARG B 12 -11.88 -4.05 -28.93
N VAL B 13 -11.37 -3.56 -30.06
CA VAL B 13 -10.39 -4.28 -30.87
C VAL B 13 -9.06 -3.55 -30.76
N ARG B 14 -7.99 -4.31 -30.49
CA ARG B 14 -6.65 -3.75 -30.38
C ARG B 14 -5.65 -4.69 -31.04
N SER B 15 -4.42 -4.22 -31.19
CA SER B 15 -3.34 -5.04 -31.73
C SER B 15 -2.02 -4.47 -31.25
N ILE B 16 -1.19 -5.32 -30.65
CA ILE B 16 0.08 -4.92 -30.06
C ILE B 16 1.19 -5.66 -30.78
N THR B 17 2.00 -4.93 -31.55
CA THR B 17 3.07 -5.51 -32.36
C THR B 17 4.42 -5.15 -31.75
N LEU B 18 5.17 -6.17 -31.34
CA LEU B 18 6.51 -5.98 -30.81
C LEU B 18 7.42 -7.02 -31.42
N GLY B 19 8.48 -6.57 -32.08
CA GLY B 19 9.41 -7.50 -32.70
C GLY B 19 8.80 -8.18 -33.90
N ASN B 20 9.04 -9.48 -34.02
CA ASN B 20 8.46 -10.30 -35.09
C ASN B 20 7.20 -11.01 -34.63
N SER B 21 6.43 -10.40 -33.74
CA SER B 21 5.26 -11.04 -33.17
C SER B 21 4.17 -10.01 -32.92
N THR B 22 2.93 -10.36 -33.25
CA THR B 22 1.78 -9.53 -32.98
C THR B 22 0.80 -10.28 -32.08
N ILE B 23 -0.10 -9.52 -31.47
CA ILE B 23 -1.14 -10.06 -30.59
C ILE B 23 -2.43 -9.34 -30.94
N THR B 24 -3.43 -10.09 -31.37
CA THR B 24 -4.70 -9.54 -31.81
C THR B 24 -5.79 -9.92 -30.81
N THR B 25 -6.61 -8.94 -30.42
CA THR B 25 -7.74 -9.17 -29.55
C THR B 25 -8.98 -8.52 -30.16
N GLN B 26 -10.15 -9.03 -29.79
CA GLN B 26 -11.41 -8.53 -30.30
C GLN B 26 -12.40 -8.15 -29.23
N GLU B 27 -12.13 -8.42 -27.96
CA GLU B 27 -12.95 -7.96 -26.86
C GLU B 27 -11.97 -7.53 -25.76
N CYS B 28 -11.56 -6.27 -25.84
CA CYS B 28 -10.55 -5.71 -24.95
C CYS B 28 -11.18 -4.66 -24.07
N ALA B 29 -10.69 -4.59 -22.82
CA ALA B 29 -11.17 -3.55 -21.92
C ALA B 29 -10.50 -2.22 -22.23
N ASN B 30 -9.20 -2.14 -22.01
CA ASN B 30 -8.31 -1.02 -22.34
C ASN B 30 -6.89 -1.52 -22.12
N VAL B 31 -5.93 -0.60 -22.12
CA VAL B 31 -4.55 -0.90 -21.73
C VAL B 31 -4.24 -0.06 -20.51
N VAL B 32 -4.05 -0.71 -19.37
CA VAL B 32 -3.51 -0.04 -18.19
C VAL B 32 -2.01 0.12 -18.38
N VAL B 33 -1.52 1.35 -18.22
CA VAL B 33 -0.10 1.62 -18.39
C VAL B 33 0.46 2.01 -17.03
N GLY B 34 0.96 1.01 -16.29
CA GLY B 34 1.70 1.13 -15.05
C GLY B 34 1.22 2.12 -14.02
N TYR B 35 2.09 3.04 -13.64
CA TYR B 35 1.74 4.18 -12.80
C TYR B 35 1.68 5.46 -13.60
N GLY B 36 1.36 5.36 -14.88
CA GLY B 36 1.26 6.50 -15.77
C GLY B 36 2.31 6.53 -16.86
N VAL B 37 3.54 6.14 -16.54
CA VAL B 37 4.64 6.30 -17.48
C VAL B 37 4.77 5.04 -18.33
N TRP B 38 5.42 5.20 -19.47
CA TRP B 38 5.75 4.25 -20.51
C TRP B 38 7.17 3.72 -20.32
N PRO B 39 7.44 2.47 -20.68
CA PRO B 39 8.81 1.95 -20.57
C PRO B 39 9.73 2.60 -21.58
N SER B 40 10.91 3.00 -21.11
CA SER B 40 11.87 3.73 -21.92
C SER B 40 13.27 3.22 -21.58
N TYR B 41 14.27 3.82 -22.22
CA TYR B 41 15.66 3.49 -21.96
C TYR B 41 16.22 4.36 -20.84
N LEU B 42 17.33 3.93 -20.28
CA LEU B 42 17.96 4.66 -19.19
C LEU B 42 18.70 5.87 -19.74
N GLN B 43 18.43 7.04 -19.17
CA GLN B 43 19.04 8.27 -19.61
C GLN B 43 20.49 8.36 -19.15
N ASP B 44 21.18 9.38 -19.63
CA ASP B 44 22.53 9.66 -19.16
C ASP B 44 22.52 10.45 -17.85
N ASN B 45 21.37 10.99 -17.47
CA ASN B 45 21.26 11.73 -16.22
C ASN B 45 21.24 10.81 -15.02
N GLU B 46 20.71 9.59 -15.17
CA GLU B 46 20.50 8.69 -14.05
C GLU B 46 21.42 7.48 -14.05
N ALA B 47 22.17 7.23 -15.12
CA ALA B 47 22.93 6.01 -15.24
C ALA B 47 24.17 6.04 -14.37
N THR B 48 24.54 4.87 -13.87
CA THR B 48 25.72 4.71 -13.03
C THR B 48 26.73 3.70 -13.56
N ALA B 49 26.33 2.81 -14.47
CA ALA B 49 27.27 1.87 -15.06
C ALA B 49 28.09 2.60 -16.12
N GLU B 50 29.41 2.44 -16.06
CA GLU B 50 30.28 3.26 -16.91
C GLU B 50 30.33 2.74 -18.34
N ASP B 51 30.27 1.43 -18.54
CA ASP B 51 30.51 0.86 -19.86
C ASP B 51 29.29 1.02 -20.76
N GLN B 52 29.49 0.71 -22.04
CA GLN B 52 28.44 0.85 -23.04
C GLN B 52 27.39 -0.24 -22.86
N PRO B 53 26.11 0.09 -22.79
CA PRO B 53 25.09 -0.95 -22.69
C PRO B 53 24.70 -1.50 -24.04
N THR B 54 24.34 -2.78 -24.05
CA THR B 54 23.81 -3.40 -25.26
C THR B 54 22.31 -3.15 -25.34
N GLN B 55 21.80 -3.14 -26.57
CA GLN B 55 20.39 -2.84 -26.82
C GLN B 55 19.91 -3.69 -27.98
N PRO B 56 19.49 -4.93 -27.71
CA PRO B 56 18.89 -5.75 -28.77
C PRO B 56 17.41 -5.42 -28.94
N ASP B 57 17.07 -4.84 -30.07
CA ASP B 57 15.72 -4.32 -30.27
C ASP B 57 14.73 -5.45 -30.53
N VAL B 58 14.92 -6.19 -31.63
CA VAL B 58 13.92 -7.17 -32.04
C VAL B 58 14.18 -8.51 -31.35
N ALA B 59 15.45 -8.87 -31.16
CA ALA B 59 15.82 -10.18 -30.67
C ALA B 59 15.45 -10.40 -29.20
N THR B 60 15.17 -9.35 -28.46
CA THR B 60 14.83 -9.45 -27.04
C THR B 60 13.44 -8.96 -26.73
N CYS B 61 13.04 -7.80 -27.28
CA CYS B 61 11.75 -7.18 -26.95
C CYS B 61 10.69 -7.73 -27.90
N ARG B 62 10.16 -8.90 -27.56
CA ARG B 62 9.10 -9.53 -28.33
C ARG B 62 8.24 -10.38 -27.40
N PHE B 63 7.09 -10.81 -27.89
CA PHE B 63 6.12 -11.52 -27.06
C PHE B 63 6.56 -12.97 -26.83
N TYR B 64 6.54 -13.38 -25.56
CA TYR B 64 6.83 -14.75 -25.18
C TYR B 64 5.60 -15.35 -24.50
N THR B 65 5.13 -16.47 -25.01
CA THR B 65 3.94 -17.13 -24.47
C THR B 65 4.37 -18.15 -23.42
N LEU B 66 3.89 -17.98 -22.19
CA LEU B 66 4.23 -18.87 -21.08
C LEU B 66 3.35 -20.10 -21.13
N ASP B 67 3.39 -20.90 -20.07
CA ASP B 67 2.57 -22.11 -20.04
C ASP B 67 1.11 -21.75 -19.78
N SER B 68 0.24 -22.72 -20.05
CA SER B 68 -1.19 -22.56 -19.86
C SER B 68 -1.64 -23.27 -18.59
N ILE B 69 -2.59 -22.66 -17.88
CA ILE B 69 -3.15 -23.23 -16.67
C ILE B 69 -4.60 -23.58 -16.94
N GLN B 70 -5.28 -24.17 -15.96
CA GLN B 70 -6.67 -24.58 -16.11
C GLN B 70 -7.50 -23.95 -15.00
N TRP B 71 -8.42 -23.06 -15.38
CA TRP B 71 -9.35 -22.46 -14.43
C TRP B 71 -10.43 -23.49 -14.11
N GLN B 72 -10.28 -24.17 -12.99
CA GLN B 72 -11.30 -25.11 -12.53
C GLN B 72 -12.35 -24.36 -11.70
N LYS B 73 -13.44 -25.07 -11.40
CA LYS B 73 -14.51 -24.45 -10.64
C LYS B 73 -14.15 -24.28 -9.17
N GLU B 74 -13.13 -24.98 -8.69
CA GLU B 74 -12.68 -24.89 -7.31
C GLU B 74 -11.32 -24.20 -7.20
N SER B 75 -10.86 -23.57 -8.28
CA SER B 75 -9.57 -22.93 -8.32
C SER B 75 -9.57 -21.63 -7.52
N ASP B 76 -8.38 -21.21 -7.10
CA ASP B 76 -8.25 -20.07 -6.20
C ASP B 76 -7.20 -19.05 -6.58
N GLY B 77 -6.19 -19.39 -7.35
CA GLY B 77 -5.23 -18.38 -7.79
C GLY B 77 -3.89 -18.98 -8.14
N TRP B 78 -3.09 -18.17 -8.83
CA TRP B 78 -1.73 -18.53 -9.21
C TRP B 78 -0.86 -17.29 -9.13
N TRP B 79 0.45 -17.48 -9.25
CA TRP B 79 1.36 -16.36 -9.39
C TRP B 79 2.58 -16.77 -10.19
N TRP B 80 3.12 -15.82 -10.95
CA TRP B 80 4.40 -15.94 -11.64
C TRP B 80 5.30 -14.80 -11.18
N LYS B 81 6.56 -15.09 -10.92
CA LYS B 81 7.54 -14.07 -10.56
C LYS B 81 8.40 -13.75 -11.76
N PHE B 82 8.58 -12.46 -12.03
CA PHE B 82 9.29 -11.97 -13.19
C PHE B 82 10.55 -11.23 -12.78
N PRO B 83 11.62 -11.27 -13.59
CA PRO B 83 11.79 -11.94 -14.88
C PRO B 83 12.31 -13.36 -14.79
N GLU B 84 12.09 -14.02 -13.64
CA GLU B 84 12.56 -15.39 -13.48
C GLU B 84 11.72 -16.37 -14.31
N ALA B 85 10.50 -16.01 -14.68
CA ALA B 85 9.66 -16.89 -15.48
C ALA B 85 10.12 -16.99 -16.93
N LEU B 86 10.93 -16.04 -17.39
CA LEU B 86 11.44 -16.03 -18.75
C LEU B 86 12.93 -16.38 -18.76
N LYS B 87 13.32 -17.35 -17.94
CA LYS B 87 14.73 -17.75 -17.87
C LYS B 87 15.15 -18.49 -19.14
N ASN B 88 14.30 -19.39 -19.64
CA ASN B 88 14.60 -20.15 -20.84
C ASN B 88 13.66 -19.76 -21.98
N MET B 89 13.39 -18.47 -22.12
CA MET B 89 12.52 -17.95 -23.17
C MET B 89 13.38 -17.19 -24.17
N GLY B 90 13.91 -17.91 -25.15
CA GLY B 90 14.51 -17.26 -26.31
C GLY B 90 15.86 -16.64 -26.02
N LEU B 91 16.09 -15.47 -26.62
CA LEU B 91 17.32 -14.71 -26.40
C LEU B 91 17.22 -13.71 -25.26
N PHE B 92 16.03 -13.49 -24.71
CA PHE B 92 15.91 -12.67 -23.51
C PHE B 92 16.57 -13.36 -22.32
N GLY B 93 16.43 -14.69 -22.26
CA GLY B 93 17.07 -15.45 -21.19
C GLY B 93 18.54 -15.70 -21.40
N GLN B 94 19.05 -15.49 -22.61
CA GLN B 94 20.47 -15.70 -22.86
C GLN B 94 21.28 -14.44 -22.54
N ASN B 95 20.68 -13.27 -22.65
CA ASN B 95 21.36 -12.06 -22.21
C ASN B 95 21.39 -11.91 -20.70
N MET B 96 20.45 -12.53 -19.99
CA MET B 96 20.44 -12.45 -18.53
C MET B 96 21.60 -13.20 -17.92
N GLU B 97 22.01 -14.31 -18.53
CA GLU B 97 23.10 -15.10 -17.99
C GLU B 97 24.46 -14.47 -18.28
N TYR B 98 24.59 -13.80 -19.42
CA TYR B 98 25.88 -13.26 -19.82
C TYR B 98 26.16 -11.89 -19.25
N HIS B 99 25.13 -11.14 -18.86
CA HIS B 99 25.30 -9.79 -18.35
C HIS B 99 24.92 -9.73 -16.87
N TYR B 100 25.72 -9.01 -16.10
CA TYR B 100 25.49 -8.90 -14.67
C TYR B 100 24.33 -7.96 -14.37
N LEU B 101 24.08 -6.97 -15.22
CA LEU B 101 23.05 -5.97 -14.98
C LEU B 101 21.98 -6.05 -16.05
N GLY B 102 20.77 -5.65 -15.68
CA GLY B 102 19.66 -5.64 -16.62
C GLY B 102 18.59 -4.66 -16.19
N ARG B 103 17.86 -4.15 -17.17
CA ARG B 103 16.82 -3.16 -16.92
C ARG B 103 15.80 -3.24 -18.04
N SER B 104 14.53 -3.48 -17.71
CA SER B 104 13.53 -3.65 -18.74
C SER B 104 12.15 -3.34 -18.20
N GLY B 105 11.28 -2.87 -19.09
CA GLY B 105 9.86 -2.84 -18.83
C GLY B 105 9.18 -4.00 -19.56
N TYR B 106 7.91 -4.19 -19.25
CA TYR B 106 7.19 -5.36 -19.74
C TYR B 106 5.82 -4.98 -20.27
N THR B 107 5.17 -5.96 -20.89
CA THR B 107 3.80 -5.83 -21.39
C THR B 107 3.13 -7.19 -21.19
N ILE B 108 2.17 -7.26 -20.29
CA ILE B 108 1.65 -8.53 -19.80
C ILE B 108 0.25 -8.70 -20.37
N HIS B 109 0.12 -9.54 -21.39
CA HIS B 109 -1.17 -9.86 -21.99
C HIS B 109 -1.66 -11.20 -21.44
N VAL B 110 -2.80 -11.18 -20.77
CA VAL B 110 -3.42 -12.38 -20.20
C VAL B 110 -4.77 -12.57 -20.85
N GLN B 111 -4.99 -13.74 -21.43
CA GLN B 111 -6.16 -13.99 -22.27
C GLN B 111 -6.88 -15.25 -21.84
N CYS B 112 -8.21 -15.17 -21.73
CA CYS B 112 -9.03 -16.31 -21.32
C CYS B 112 -10.43 -16.09 -21.88
N ASN B 113 -10.74 -16.77 -22.99
CA ASN B 113 -12.06 -16.69 -23.61
C ASN B 113 -12.86 -17.94 -23.24
N ALA B 114 -14.10 -17.75 -22.81
CA ALA B 114 -14.94 -18.90 -22.49
C ALA B 114 -16.17 -19.00 -23.38
N SER B 115 -17.15 -18.10 -23.24
CA SER B 115 -18.46 -18.21 -23.88
C SER B 115 -19.37 -17.03 -23.54
N LYS B 116 -20.56 -17.02 -24.13
CA LYS B 116 -21.66 -16.20 -23.64
C LYS B 116 -22.45 -16.89 -22.52
N PHE B 117 -22.18 -18.18 -22.27
CA PHE B 117 -22.91 -18.94 -21.27
C PHE B 117 -22.09 -19.29 -20.05
N HIS B 118 -20.79 -19.04 -20.06
CA HIS B 118 -19.96 -19.19 -18.89
C HIS B 118 -19.98 -17.89 -18.09
N GLN B 119 -19.49 -17.97 -16.84
CA GLN B 119 -19.36 -16.77 -16.04
C GLN B 119 -18.20 -16.93 -15.07
N GLY B 120 -17.70 -15.79 -14.62
CA GLY B 120 -16.55 -15.78 -13.74
C GLY B 120 -15.87 -14.43 -13.80
N CYS B 121 -14.85 -14.29 -12.97
CA CYS B 121 -14.08 -13.05 -12.89
C CYS B 121 -12.67 -13.39 -12.45
N LEU B 122 -11.72 -12.53 -12.82
CA LEU B 122 -10.33 -12.69 -12.45
C LEU B 122 -9.77 -11.33 -12.09
N LEU B 123 -8.72 -11.32 -11.27
CA LEU B 123 -8.00 -10.10 -10.94
C LEU B 123 -6.55 -10.28 -11.36
N VAL B 124 -6.10 -9.47 -12.32
CA VAL B 124 -4.76 -9.60 -12.84
C VAL B 124 -3.91 -8.42 -12.35
N VAL B 125 -3.23 -8.59 -11.22
CA VAL B 125 -2.41 -7.53 -10.67
C VAL B 125 -0.94 -7.77 -10.99
N CYS B 126 -0.17 -6.68 -10.94
CA CYS B 126 1.28 -6.72 -11.07
C CYS B 126 1.86 -6.08 -9.82
N VAL B 127 2.42 -6.90 -8.93
CA VAL B 127 2.80 -6.47 -7.59
C VAL B 127 4.32 -6.23 -7.58
N PRO B 128 4.78 -4.98 -7.51
CA PRO B 128 6.22 -4.72 -7.43
C PRO B 128 6.74 -5.06 -6.04
N GLU B 129 7.86 -5.80 -6.00
CA GLU B 129 8.54 -6.26 -4.77
C GLU B 129 7.59 -7.04 -3.87
N ALA B 130 6.94 -8.04 -4.44
CA ALA B 130 5.99 -8.86 -3.70
C ALA B 130 6.76 -9.83 -2.80
N GLU B 131 7.15 -9.33 -1.64
CA GLU B 131 7.81 -10.17 -0.65
C GLU B 131 6.79 -11.11 -0.04
N MET B 132 7.11 -12.40 -0.02
CA MET B 132 6.14 -13.42 0.35
C MET B 132 6.56 -14.12 1.64
N GLY B 133 5.57 -14.48 2.44
CA GLY B 133 5.80 -15.04 3.75
C GLY B 133 5.82 -16.56 3.75
N CYS B 134 6.63 -17.13 4.64
CA CYS B 134 6.75 -18.56 4.74
C CYS B 134 5.52 -19.15 5.43
N SER B 135 5.40 -20.47 5.35
CA SER B 135 4.29 -21.16 5.98
C SER B 135 4.61 -21.61 7.39
N ASP B 136 5.85 -22.03 7.64
CA ASP B 136 6.34 -22.28 8.98
C ASP B 136 7.02 -21.00 9.45
N VAL B 137 6.37 -20.28 10.38
CA VAL B 137 6.96 -19.08 10.94
C VAL B 137 8.18 -19.45 11.77
N GLU B 138 9.05 -18.45 12.00
CA GLU B 138 10.42 -18.63 12.52
C GLU B 138 11.22 -19.57 11.61
N ARG B 139 11.07 -19.38 10.30
CA ARG B 139 11.90 -20.05 9.30
C ARG B 139 11.96 -19.15 8.06
N GLU B 140 12.41 -19.72 6.95
CA GLU B 140 12.64 -18.96 5.73
C GLU B 140 12.36 -19.85 4.53
N VAL B 141 11.84 -19.23 3.46
CA VAL B 141 11.54 -19.98 2.23
C VAL B 141 12.83 -20.29 1.49
N VAL B 142 12.72 -21.20 0.53
CA VAL B 142 13.80 -21.48 -0.39
C VAL B 142 13.37 -21.02 -1.78
N ALA B 143 14.32 -21.01 -2.72
CA ALA B 143 14.04 -20.47 -4.05
C ALA B 143 13.18 -21.40 -4.89
N ALA B 144 13.24 -22.71 -4.63
CA ALA B 144 12.45 -23.66 -5.39
C ALA B 144 10.97 -23.64 -5.03
N SER B 145 10.61 -22.98 -3.93
CA SER B 145 9.22 -22.85 -3.51
C SER B 145 8.60 -21.52 -3.90
N LEU B 146 9.39 -20.57 -4.39
CA LEU B 146 8.88 -19.25 -4.76
C LEU B 146 8.44 -19.20 -6.22
N SER B 147 9.21 -19.81 -7.12
CA SER B 147 8.88 -19.75 -8.54
C SER B 147 9.43 -20.99 -9.23
N SER B 148 8.57 -21.66 -9.98
CA SER B 148 8.99 -22.83 -10.75
C SER B 148 9.69 -22.40 -12.04
N GLU B 149 10.11 -23.38 -12.84
CA GLU B 149 10.93 -23.05 -14.01
C GLU B 149 10.08 -22.47 -15.14
N ASP B 150 8.90 -23.02 -15.40
CA ASP B 150 7.95 -22.38 -16.30
C ASP B 150 6.49 -22.48 -15.84
N THR B 151 6.17 -23.37 -14.90
CA THR B 151 4.78 -23.56 -14.50
C THR B 151 4.39 -22.53 -13.45
N ALA B 152 3.11 -22.50 -13.12
CA ALA B 152 2.57 -21.54 -12.18
C ALA B 152 2.57 -22.11 -10.77
N LYS B 153 2.93 -21.28 -9.80
CA LYS B 153 2.78 -21.62 -8.39
C LYS B 153 1.41 -21.15 -7.93
N SER B 154 0.63 -22.05 -7.36
CA SER B 154 -0.77 -21.80 -7.08
C SER B 154 -1.01 -21.47 -5.61
N PHE B 155 -2.16 -20.86 -5.35
CA PHE B 155 -2.61 -20.63 -3.99
C PHE B 155 -3.44 -21.81 -3.50
N SER B 156 -3.57 -21.90 -2.18
CA SER B 156 -4.37 -22.94 -1.54
C SER B 156 -5.53 -22.30 -0.81
N ARG B 157 -6.68 -22.96 -0.83
CA ARG B 157 -7.86 -22.43 -0.14
C ARG B 157 -7.69 -22.50 1.37
N THR B 158 -7.06 -23.56 1.86
CA THR B 158 -6.81 -23.75 3.28
C THR B 158 -5.43 -23.19 3.65
N GLU B 159 -4.98 -23.49 4.86
CA GLU B 159 -3.67 -23.06 5.31
C GLU B 159 -2.59 -24.01 4.81
N SER B 160 -1.43 -23.46 4.46
CA SER B 160 -0.31 -24.26 4.01
C SER B 160 0.45 -24.82 5.22
N ASN B 161 0.72 -26.12 5.20
CA ASN B 161 1.33 -26.81 6.33
C ASN B 161 2.83 -27.01 6.18
N GLY B 162 3.41 -26.63 5.04
CA GLY B 162 4.79 -26.97 4.76
C GLY B 162 5.78 -26.17 5.60
N GLN B 163 7.01 -26.67 5.63
CA GLN B 163 8.05 -26.08 6.47
C GLN B 163 8.93 -25.09 5.73
N HIS B 164 8.98 -25.14 4.41
CA HIS B 164 9.83 -24.24 3.64
C HIS B 164 9.12 -23.73 2.39
N THR B 165 7.80 -23.69 2.42
CA THR B 165 7.02 -23.20 1.30
C THR B 165 6.44 -21.83 1.62
N VAL B 166 5.97 -21.16 0.58
CA VAL B 166 5.23 -19.91 0.75
C VAL B 166 3.90 -20.21 1.45
N GLN B 167 3.44 -19.26 2.27
CA GLN B 167 2.09 -19.36 2.78
C GLN B 167 1.12 -19.06 1.65
N THR B 168 0.62 -20.10 0.99
CA THR B 168 -0.21 -19.95 -0.20
C THR B 168 -1.69 -19.86 0.11
N VAL B 169 -2.06 -19.31 1.27
CA VAL B 169 -3.47 -19.02 1.50
C VAL B 169 -3.88 -17.86 0.61
N VAL B 170 -5.14 -17.85 0.18
CA VAL B 170 -5.53 -16.96 -0.90
C VAL B 170 -6.03 -15.60 -0.41
N TYR B 171 -6.72 -15.54 0.73
CA TYR B 171 -7.29 -14.26 1.17
C TYR B 171 -6.27 -13.35 1.82
N ASN B 172 -5.11 -13.87 2.21
CA ASN B 172 -4.00 -13.04 2.64
C ASN B 172 -3.01 -12.76 1.52
N ALA B 173 -3.27 -13.29 0.33
CA ALA B 173 -2.52 -13.07 -0.92
C ALA B 173 -1.06 -13.48 -0.83
N GLY B 174 -0.70 -14.32 0.15
CA GLY B 174 0.68 -14.74 0.31
C GLY B 174 1.62 -13.69 0.84
N MET B 175 1.12 -12.52 1.24
CA MET B 175 1.96 -11.43 1.71
C MET B 175 1.60 -10.92 3.09
N GLY B 176 0.41 -11.24 3.60
CA GLY B 176 -0.05 -10.72 4.86
C GLY B 176 -1.01 -9.55 4.76
N VAL B 177 -1.46 -9.22 3.56
CA VAL B 177 -2.33 -8.08 3.33
C VAL B 177 -3.70 -8.60 2.89
N GLY B 178 -4.67 -7.69 2.80
CA GLY B 178 -5.99 -8.06 2.33
C GLY B 178 -5.98 -8.27 0.82
N VAL B 179 -6.65 -9.34 0.37
CA VAL B 179 -6.66 -9.65 -1.05
C VAL B 179 -7.58 -8.71 -1.83
N GLY B 180 -8.53 -8.07 -1.16
CA GLY B 180 -9.34 -7.07 -1.83
C GLY B 180 -8.62 -5.76 -2.05
N ASN B 181 -7.57 -5.49 -1.27
CA ASN B 181 -6.80 -4.26 -1.37
C ASN B 181 -5.65 -4.36 -2.35
N LEU B 182 -5.64 -5.38 -3.21
CA LEU B 182 -4.60 -5.51 -4.22
C LEU B 182 -4.87 -4.61 -5.44
N THR B 183 -5.95 -3.85 -5.44
CA THR B 183 -6.31 -3.03 -6.59
C THR B 183 -5.55 -1.70 -6.65
N ILE B 184 -4.58 -1.47 -5.78
CA ILE B 184 -3.73 -0.29 -5.93
C ILE B 184 -2.79 -0.49 -7.10
N PHE B 185 -2.30 -1.70 -7.27
CA PHE B 185 -1.35 -2.04 -8.31
C PHE B 185 -2.03 -2.03 -9.68
N PRO B 186 -1.26 -1.90 -10.77
CA PRO B 186 -1.85 -1.95 -12.12
C PRO B 186 -2.60 -3.24 -12.40
N HIS B 187 -3.90 -3.12 -12.57
CA HIS B 187 -4.79 -4.27 -12.60
C HIS B 187 -5.85 -4.10 -13.67
N GLN B 188 -6.33 -5.23 -14.17
CA GLN B 188 -7.53 -5.31 -14.99
C GLN B 188 -8.39 -6.44 -14.43
N TRP B 189 -9.54 -6.65 -15.04
CA TRP B 189 -10.44 -7.73 -14.65
C TRP B 189 -10.88 -8.46 -15.91
N ILE B 190 -10.76 -9.78 -15.91
CA ILE B 190 -11.30 -10.60 -16.99
C ILE B 190 -12.66 -11.09 -16.51
N ASN B 191 -13.68 -10.29 -16.77
CA ASN B 191 -15.06 -10.71 -16.61
C ASN B 191 -15.48 -11.43 -17.88
N LEU B 192 -15.90 -12.69 -17.76
CA LEU B 192 -16.28 -13.46 -18.95
C LEU B 192 -17.59 -12.98 -19.55
N ARG B 193 -18.32 -12.10 -18.86
CA ARG B 193 -19.51 -11.48 -19.43
C ARG B 193 -19.15 -10.40 -20.43
N THR B 194 -18.17 -9.54 -20.11
CA THR B 194 -17.82 -8.40 -20.95
C THR B 194 -16.43 -8.45 -21.57
N ASN B 195 -15.50 -9.20 -21.00
CA ASN B 195 -14.08 -9.07 -21.35
C ASN B 195 -13.54 -10.42 -21.83
N ASN B 196 -12.47 -10.36 -22.58
CA ASN B 196 -11.83 -11.56 -23.11
C ASN B 196 -10.36 -11.64 -22.74
N SER B 197 -9.66 -10.50 -22.70
CA SER B 197 -8.24 -10.46 -22.42
C SER B 197 -7.93 -9.25 -21.56
N ALA B 198 -6.74 -9.25 -20.97
CA ALA B 198 -6.31 -8.16 -20.09
C ALA B 198 -4.85 -7.88 -20.34
N THR B 199 -4.53 -6.67 -20.79
CA THR B 199 -3.16 -6.27 -21.08
C THR B 199 -2.73 -5.16 -20.14
N ILE B 200 -1.53 -5.28 -19.58
CA ILE B 200 -0.98 -4.34 -18.61
C ILE B 200 0.45 -4.04 -19.01
N VAL B 201 0.75 -2.76 -19.21
CA VAL B 201 2.10 -2.31 -19.55
C VAL B 201 2.74 -1.76 -18.28
N MET B 202 3.78 -2.45 -17.80
CA MET B 202 4.47 -2.04 -16.58
C MET B 202 5.82 -1.45 -16.92
N PRO B 203 6.17 -0.30 -16.37
CA PRO B 203 7.52 0.24 -16.56
C PRO B 203 8.49 -0.40 -15.59
N TYR B 204 9.72 0.09 -15.61
CA TYR B 204 10.75 -0.42 -14.72
C TYR B 204 10.63 0.27 -13.37
N ILE B 205 10.24 -0.46 -12.35
CA ILE B 205 10.05 0.08 -11.01
C ILE B 205 11.10 -0.54 -10.10
N ASN B 206 12.06 0.27 -9.68
CA ASN B 206 13.09 -0.16 -8.74
C ASN B 206 13.64 1.07 -8.04
N SER B 207 14.33 0.84 -6.92
CA SER B 207 14.99 1.93 -6.22
C SER B 207 16.35 2.26 -6.80
N VAL B 208 17.00 1.29 -7.45
CA VAL B 208 18.30 1.47 -8.08
C VAL B 208 18.08 1.63 -9.58
N PRO B 209 19.00 2.22 -10.35
CA PRO B 209 18.74 2.37 -11.79
C PRO B 209 18.75 1.06 -12.57
N MET B 210 19.65 0.14 -12.25
CA MET B 210 19.64 -1.19 -12.83
C MET B 210 19.90 -2.20 -11.73
N ASP B 211 19.55 -3.46 -11.99
CA ASP B 211 19.70 -4.49 -10.97
C ASP B 211 19.90 -5.85 -11.63
N ASN B 212 20.59 -6.73 -10.92
CA ASN B 212 20.86 -8.07 -11.43
C ASN B 212 19.60 -8.91 -11.36
N MET B 213 19.14 -9.38 -12.51
CA MET B 213 17.85 -10.06 -12.60
C MET B 213 17.98 -11.58 -12.45
N PHE B 214 18.67 -12.01 -11.41
CA PHE B 214 18.70 -13.36 -10.88
C PHE B 214 18.39 -13.40 -9.39
N ARG B 215 18.87 -12.42 -8.63
CA ARG B 215 18.63 -12.34 -7.20
C ARG B 215 17.62 -11.26 -6.83
N HIS B 216 16.80 -10.82 -7.79
CA HIS B 216 15.81 -9.78 -7.51
C HIS B 216 14.65 -9.95 -8.47
N TYR B 217 13.55 -10.52 -7.97
CA TYR B 217 12.31 -10.54 -8.72
C TYR B 217 11.72 -9.14 -8.72
N ASN B 218 11.57 -8.56 -9.91
CA ASN B 218 11.17 -7.16 -10.01
C ASN B 218 9.69 -6.98 -9.66
N PHE B 219 8.83 -7.83 -10.22
CA PHE B 219 7.42 -7.78 -9.90
C PHE B 219 6.80 -9.15 -10.10
N THR B 220 5.70 -9.38 -9.38
CA THR B 220 4.99 -10.65 -9.42
C THR B 220 3.62 -10.45 -10.07
N LEU B 221 3.31 -11.30 -11.03
CA LEU B 221 1.99 -11.31 -11.68
C LEU B 221 1.09 -12.28 -10.95
N MET B 222 -0.05 -11.80 -10.45
CA MET B 222 -1.02 -12.66 -9.78
C MET B 222 -2.33 -12.65 -10.52
N ILE B 223 -2.92 -13.83 -10.68
CA ILE B 223 -4.24 -14.00 -11.27
C ILE B 223 -5.09 -14.72 -10.23
N ILE B 224 -6.13 -14.05 -9.74
CA ILE B 224 -6.94 -14.55 -8.64
C ILE B 224 -8.41 -14.49 -9.03
N PRO B 225 -9.14 -15.59 -9.04
CA PRO B 225 -10.59 -15.55 -9.32
C PRO B 225 -11.37 -15.09 -8.11
N PHE B 226 -11.95 -13.89 -8.19
CA PHE B 226 -12.85 -13.47 -7.12
C PHE B 226 -14.22 -14.10 -7.26
N ALA B 227 -14.81 -14.01 -8.45
CA ALA B 227 -16.06 -14.69 -8.74
C ALA B 227 -15.73 -15.95 -9.53
N LYS B 228 -16.08 -17.11 -8.97
CA LYS B 228 -15.60 -18.37 -9.50
C LYS B 228 -16.31 -18.75 -10.79
N LEU B 229 -15.89 -19.85 -11.39
CA LEU B 229 -16.36 -20.29 -12.68
C LEU B 229 -17.46 -21.33 -12.51
N GLU B 230 -18.62 -21.06 -13.11
CA GLU B 230 -19.68 -22.05 -13.18
C GLU B 230 -20.26 -22.07 -14.59
N TYR B 231 -20.85 -23.21 -14.94
CA TYR B 231 -21.40 -23.43 -16.28
C TYR B 231 -22.45 -24.53 -16.18
N THR B 232 -22.91 -25.00 -17.33
CA THR B 232 -23.92 -26.04 -17.44
C THR B 232 -23.26 -27.22 -18.15
N GLU B 233 -23.80 -28.43 -17.95
CA GLU B 233 -23.18 -29.65 -18.45
C GLU B 233 -23.18 -29.73 -19.96
N GLN B 234 -24.03 -28.96 -20.64
CA GLN B 234 -23.97 -28.91 -22.10
C GLN B 234 -22.73 -28.18 -22.60
N ALA B 235 -22.18 -27.29 -21.77
CA ALA B 235 -21.12 -26.40 -22.21
C ALA B 235 -19.76 -27.08 -22.10
N SER B 236 -18.71 -26.33 -22.41
CA SER B 236 -17.36 -26.84 -22.31
C SER B 236 -16.89 -26.86 -20.86
N ASN B 237 -15.96 -27.77 -20.57
CA ASN B 237 -15.48 -27.98 -19.22
C ASN B 237 -13.97 -27.77 -19.10
N TYR B 238 -13.37 -27.08 -20.06
CA TYR B 238 -11.94 -26.77 -20.04
C TYR B 238 -11.76 -25.32 -20.43
N VAL B 239 -11.57 -24.45 -19.44
CA VAL B 239 -11.38 -23.03 -19.67
C VAL B 239 -9.94 -22.68 -19.28
N PRO B 240 -9.02 -22.58 -20.23
CA PRO B 240 -7.63 -22.27 -19.89
C PRO B 240 -7.30 -20.78 -19.96
N ILE B 241 -6.27 -20.42 -19.22
CA ILE B 241 -5.72 -19.07 -19.22
C ILE B 241 -4.31 -19.12 -19.78
N THR B 242 -4.00 -18.18 -20.68
CA THR B 242 -2.68 -18.10 -21.30
C THR B 242 -2.08 -16.73 -21.04
N VAL B 243 -0.80 -16.71 -20.67
CA VAL B 243 -0.10 -15.49 -20.33
C VAL B 243 0.98 -15.25 -21.38
N THR B 244 1.03 -14.04 -21.92
CA THR B 244 1.97 -13.69 -22.98
C THR B 244 2.65 -12.38 -22.60
N VAL B 245 3.95 -12.44 -22.29
CA VAL B 245 4.69 -11.31 -21.72
C VAL B 245 5.82 -10.92 -22.67
N ALA B 246 5.90 -9.65 -23.01
CA ALA B 246 6.96 -9.11 -23.85
C ALA B 246 7.81 -8.13 -23.06
N PRO B 247 9.13 -8.29 -23.05
CA PRO B 247 9.99 -7.24 -22.51
C PRO B 247 9.96 -6.01 -23.41
N MET B 248 10.26 -4.85 -22.82
CA MET B 248 10.17 -3.59 -23.54
C MET B 248 11.29 -2.67 -23.07
N CYS B 249 12.08 -2.18 -24.04
CA CYS B 249 13.21 -1.28 -23.81
C CYS B 249 14.23 -1.90 -22.85
N ALA B 250 14.70 -3.08 -23.22
CA ALA B 250 15.61 -3.86 -22.39
C ALA B 250 17.06 -3.53 -22.74
N GLU B 251 17.89 -3.34 -21.72
CA GLU B 251 19.30 -3.10 -21.92
C GLU B 251 20.07 -3.71 -20.76
N TYR B 252 21.35 -3.98 -20.99
CA TYR B 252 22.16 -4.78 -20.09
C TYR B 252 23.56 -4.17 -19.96
N ASN B 253 24.25 -4.54 -18.88
CA ASN B 253 25.64 -4.15 -18.66
C ASN B 253 26.39 -5.27 -17.97
N GLY B 254 27.71 -5.18 -18.01
CA GLY B 254 28.56 -6.11 -17.30
C GLY B 254 28.65 -7.48 -17.93
N LEU B 255 29.23 -7.55 -19.13
CA LEU B 255 29.34 -8.82 -19.84
C LEU B 255 30.51 -9.62 -19.30
N ARG B 256 30.23 -10.83 -18.82
CA ARG B 256 31.25 -11.76 -18.37
C ARG B 256 30.84 -13.15 -18.84
N LEU B 257 31.47 -14.19 -18.31
CA LEU B 257 31.10 -15.56 -18.64
C LEU B 257 29.68 -15.88 -18.18
N ALA B 258 29.07 -16.87 -18.84
CA ALA B 258 27.69 -17.23 -18.56
C ALA B 258 27.59 -17.97 -17.23
N SER B 259 26.72 -17.49 -16.37
CA SER B 259 26.52 -18.12 -15.06
C SER B 259 25.11 -17.77 -14.60
N HIS B 260 24.21 -18.75 -14.60
CA HIS B 260 24.50 -20.13 -14.99
C HIS B 260 23.59 -20.54 -16.16
N GLN B 261 24.10 -21.33 -17.12
CA GLN B 261 25.50 -21.80 -17.16
C GLN B 261 26.09 -21.64 -18.55
N GLY C 1 25.90 38.83 27.87
CA GLY C 1 25.43 38.93 26.49
C GLY C 1 24.03 39.48 26.39
N LEU C 2 23.23 38.87 25.52
CA LEU C 2 21.86 39.32 25.32
C LEU C 2 20.98 38.80 26.45
N PRO C 3 20.13 39.64 27.05
CA PRO C 3 19.26 39.15 28.13
C PRO C 3 17.99 38.51 27.60
N THR C 4 17.82 37.22 27.87
CA THR C 4 16.64 36.50 27.43
C THR C 4 15.78 36.13 28.64
N MET C 5 14.71 35.39 28.39
CA MET C 5 13.84 34.88 29.45
C MET C 5 13.17 33.62 28.92
N LEU C 6 13.36 32.50 29.63
CA LEU C 6 12.84 31.22 29.16
C LEU C 6 11.35 31.11 29.51
N THR C 7 10.53 30.94 28.48
CA THR C 7 9.09 30.81 28.64
C THR C 7 8.76 29.40 29.11
N PRO C 8 7.52 29.16 29.57
CA PRO C 8 7.07 27.78 29.79
C PRO C 8 7.05 27.01 28.48
N GLY C 9 7.35 25.71 28.61
CA GLY C 9 7.53 24.87 27.45
C GLY C 9 8.96 24.71 27.01
N SER C 10 9.92 25.02 27.87
CA SER C 10 11.33 24.87 27.55
C SER C 10 11.83 23.51 28.00
N ASN C 11 12.81 22.98 27.25
CA ASN C 11 13.46 21.68 27.49
C ASN C 11 12.46 20.53 27.49
N GLN C 12 11.39 20.64 26.71
CA GLN C 12 10.41 19.58 26.56
C GLN C 12 10.60 18.92 25.21
N PHE C 13 9.98 17.74 25.05
CA PHE C 13 10.05 16.97 23.82
C PHE C 13 8.61 16.79 23.32
N LEU C 14 8.17 17.69 22.47
CA LEU C 14 6.92 17.53 21.74
C LEU C 14 7.22 16.75 20.47
N THR C 15 6.47 15.65 20.26
CA THR C 15 6.82 14.74 19.18
C THR C 15 6.50 15.31 17.81
N SER C 16 5.66 16.34 17.73
CA SER C 16 5.28 16.91 16.45
C SER C 16 5.68 18.38 16.34
N ASP C 17 6.91 18.72 16.73
CA ASP C 17 7.41 20.06 16.50
C ASP C 17 8.14 20.13 15.16
N ASP C 18 8.41 21.36 14.73
CA ASP C 18 9.17 21.62 13.51
C ASP C 18 10.35 22.51 13.88
N PHE C 19 11.43 21.90 14.32
CA PHE C 19 12.60 22.61 14.80
C PHE C 19 13.83 22.20 13.98
N GLN C 20 14.82 23.07 13.99
CA GLN C 20 16.10 22.77 13.36
C GLN C 20 17.02 22.09 14.35
N SER C 21 17.92 21.27 13.84
CA SER C 21 18.84 20.48 14.65
C SER C 21 20.17 20.40 13.93
N PRO C 22 21.28 20.36 14.67
CA PRO C 22 22.58 20.26 14.00
C PRO C 22 22.79 18.87 13.41
N SER C 23 23.36 18.83 12.22
CA SER C 23 23.54 17.58 11.50
C SER C 23 24.66 16.76 12.13
N ALA C 24 24.43 15.45 12.24
CA ALA C 24 25.44 14.56 12.81
C ALA C 24 26.64 14.42 11.90
N MET C 25 26.39 14.16 10.61
CA MET C 25 27.42 14.05 9.59
C MET C 25 27.35 15.21 8.61
N PRO C 26 28.14 16.26 8.78
CA PRO C 26 28.00 17.45 7.95
C PRO C 26 28.68 17.28 6.60
N GLN C 27 28.20 18.10 5.64
CA GLN C 27 28.66 18.11 4.24
C GLN C 27 28.55 16.74 3.59
N PHE C 28 27.50 16.00 3.94
CA PHE C 28 27.26 14.68 3.39
C PHE C 28 26.74 14.81 1.96
N ASP C 29 27.24 13.95 1.08
CA ASP C 29 26.85 13.97 -0.34
C ASP C 29 25.81 12.88 -0.57
N VAL C 30 24.62 13.29 -0.92
CA VAL C 30 23.48 12.40 -1.08
C VAL C 30 23.44 11.92 -2.53
N THR C 31 23.01 10.67 -2.73
CA THR C 31 22.82 10.14 -4.08
C THR C 31 21.70 10.92 -4.79
N PRO C 32 21.83 11.13 -6.11
CA PRO C 32 20.83 11.90 -6.83
C PRO C 32 19.52 11.17 -6.97
N GLU C 33 18.44 11.94 -6.99
CA GLU C 33 17.10 11.39 -7.09
C GLU C 33 16.82 10.93 -8.51
N MET C 34 16.44 9.66 -8.66
CA MET C 34 16.04 9.14 -9.95
C MET C 34 14.52 9.11 -10.04
N LYS C 35 14.01 9.14 -11.26
CA LYS C 35 12.56 9.24 -11.49
C LYS C 35 11.94 7.86 -11.32
N ILE C 36 11.59 7.52 -10.09
CA ILE C 36 10.85 6.29 -9.83
C ILE C 36 9.38 6.53 -10.11
N PRO C 37 8.72 5.67 -10.89
CA PRO C 37 7.30 5.91 -11.19
C PRO C 37 6.40 5.54 -10.04
N GLY C 38 5.38 6.36 -9.81
CA GLY C 38 4.36 6.08 -8.82
C GLY C 38 4.50 6.90 -7.55
N GLU C 39 4.83 8.17 -7.69
CA GLU C 39 5.09 9.02 -6.53
C GLU C 39 3.78 9.38 -5.82
N VAL C 40 3.76 9.17 -4.51
CA VAL C 40 2.61 9.55 -3.69
C VAL C 40 2.87 10.94 -3.13
N HIS C 41 2.03 11.89 -3.50
CA HIS C 41 2.08 13.22 -2.94
C HIS C 41 1.11 13.42 -1.79
N ASN C 42 0.03 12.64 -1.74
CA ASN C 42 -1.03 12.81 -0.76
C ASN C 42 -1.64 11.45 -0.49
N LEU C 43 -2.12 11.25 0.74
CA LEU C 43 -2.74 9.99 1.11
C LEU C 43 -4.12 9.81 0.50
N MET C 44 -4.74 10.88 0.01
CA MET C 44 -6.04 10.77 -0.61
C MET C 44 -5.97 10.23 -2.04
N GLU C 45 -4.76 10.09 -2.60
CA GLU C 45 -4.62 9.41 -3.87
C GLU C 45 -4.70 7.90 -3.72
N ILE C 46 -4.54 7.39 -2.50
CA ILE C 46 -4.72 5.97 -2.25
C ILE C 46 -6.15 5.65 -1.87
N ALA C 47 -6.80 6.53 -1.11
CA ALA C 47 -8.19 6.31 -0.72
C ALA C 47 -9.18 6.55 -1.85
N GLU C 48 -8.74 7.16 -2.95
CA GLU C 48 -9.57 7.36 -4.13
C GLU C 48 -9.54 6.19 -5.08
N VAL C 49 -8.95 5.07 -4.67
CA VAL C 49 -8.83 3.88 -5.51
C VAL C 49 -9.86 2.86 -5.02
N ASP C 50 -10.64 2.32 -5.96
CA ASP C 50 -11.65 1.31 -5.63
C ASP C 50 -11.00 0.04 -5.10
N SER C 51 -11.65 -0.56 -4.11
CA SER C 51 -11.17 -1.83 -3.55
C SER C 51 -12.37 -2.64 -3.11
N VAL C 52 -12.21 -3.95 -3.18
CA VAL C 52 -13.33 -4.88 -3.05
C VAL C 52 -13.76 -4.95 -1.59
N VAL C 53 -15.07 -4.95 -1.38
CA VAL C 53 -15.68 -4.73 -0.07
C VAL C 53 -16.21 -6.07 0.44
N PRO C 54 -15.70 -6.58 1.55
CA PRO C 54 -16.28 -7.80 2.12
C PRO C 54 -17.63 -7.57 2.79
N VAL C 55 -18.69 -7.51 1.99
CA VAL C 55 -20.05 -7.32 2.54
C VAL C 55 -20.69 -8.61 3.01
N ASN C 56 -20.13 -9.76 2.66
CA ASN C 56 -20.66 -11.06 3.02
C ASN C 56 -19.88 -11.68 4.18
N ASN C 57 -19.55 -10.87 5.18
CA ASN C 57 -18.58 -11.25 6.20
C ASN C 57 -19.20 -12.02 7.36
N THR C 58 -20.32 -12.71 7.10
CA THR C 58 -20.93 -13.55 8.10
C THR C 58 -20.11 -14.82 8.28
N LYS C 59 -19.50 -14.99 9.46
CA LYS C 59 -18.79 -16.21 9.79
C LYS C 59 -19.75 -17.40 9.75
N GLU C 60 -19.43 -18.43 8.97
CA GLU C 60 -18.11 -18.64 8.36
C GLU C 60 -17.99 -18.25 6.89
N ASN C 61 -17.62 -17.00 6.65
CA ASN C 61 -17.20 -16.56 5.32
C ASN C 61 -16.00 -15.63 5.37
N ILE C 62 -15.49 -15.29 6.56
CA ILE C 62 -14.35 -14.38 6.64
C ILE C 62 -13.02 -15.09 6.49
N ASN C 63 -12.99 -16.41 6.64
CA ASN C 63 -11.78 -17.19 6.42
C ASN C 63 -11.81 -17.87 5.05
N SER C 64 -12.39 -17.21 4.06
CA SER C 64 -12.46 -17.74 2.71
C SER C 64 -12.59 -16.56 1.75
N MET C 65 -12.78 -16.87 0.48
CA MET C 65 -12.97 -15.84 -0.54
C MET C 65 -14.42 -15.40 -0.66
N GLU C 66 -15.33 -16.06 0.06
CA GLU C 66 -16.77 -15.81 -0.07
C GLU C 66 -17.22 -14.54 0.62
N ALA C 67 -16.33 -13.83 1.32
CA ALA C 67 -16.72 -12.59 1.97
C ALA C 67 -16.97 -11.48 0.96
N TYR C 68 -16.30 -11.54 -0.20
CA TYR C 68 -16.38 -10.47 -1.17
C TYR C 68 -17.51 -10.64 -2.18
N ARG C 69 -18.25 -11.75 -2.12
CA ARG C 69 -19.23 -12.10 -3.13
C ARG C 69 -20.64 -11.96 -2.59
N ILE C 70 -21.55 -11.48 -3.43
CA ILE C 70 -22.96 -11.30 -3.07
C ILE C 70 -23.78 -12.32 -3.84
N PRO C 71 -24.58 -13.15 -3.17
CA PRO C 71 -25.42 -14.12 -3.89
C PRO C 71 -26.69 -13.47 -4.43
N VAL C 72 -26.96 -13.72 -5.72
CA VAL C 72 -28.26 -13.44 -6.32
C VAL C 72 -28.73 -14.72 -6.99
N THR C 73 -30.04 -14.83 -7.17
CA THR C 73 -30.63 -16.13 -7.49
C THR C 73 -31.82 -15.92 -8.41
N GLY C 74 -32.63 -16.96 -8.56
CA GLY C 74 -33.66 -17.03 -9.58
C GLY C 74 -35.08 -16.72 -9.12
N GLY C 75 -35.86 -17.75 -8.81
CA GLY C 75 -37.29 -17.61 -8.61
C GLY C 75 -37.72 -17.43 -7.16
N ASP C 76 -38.82 -16.68 -6.95
CA ASP C 76 -39.45 -15.88 -8.00
C ASP C 76 -38.70 -14.57 -8.10
N GLN C 77 -38.88 -13.68 -7.10
CA GLN C 77 -37.87 -12.95 -6.32
C GLN C 77 -38.59 -11.86 -5.53
N LEU C 78 -37.82 -10.88 -5.05
CA LEU C 78 -38.16 -9.48 -4.79
C LEU C 78 -38.92 -9.25 -3.49
N HIS C 79 -39.22 -10.29 -2.72
CA HIS C 79 -39.54 -10.11 -1.32
C HIS C 79 -38.32 -10.35 -0.44
N THR C 80 -37.13 -10.29 -1.03
CA THR C 80 -35.87 -10.51 -0.32
C THR C 80 -34.92 -9.36 -0.60
N GLN C 81 -34.12 -9.02 0.39
CA GLN C 81 -33.07 -8.02 0.24
C GLN C 81 -31.84 -8.67 -0.38
N VAL C 82 -31.06 -7.87 -1.10
CA VAL C 82 -29.81 -8.37 -1.65
C VAL C 82 -28.69 -8.28 -0.62
N PHE C 83 -28.47 -7.09 -0.06
CA PHE C 83 -27.61 -6.90 1.10
C PHE C 83 -28.08 -5.67 1.86
N GLY C 84 -27.35 -5.34 2.93
CA GLY C 84 -27.66 -4.16 3.70
C GLY C 84 -26.64 -3.91 4.79
N PHE C 85 -26.14 -2.68 4.90
CA PHE C 85 -25.17 -2.34 5.92
C PHE C 85 -25.27 -0.87 6.25
N GLN C 86 -24.78 -0.52 7.44
CA GLN C 86 -24.76 0.87 7.86
C GLN C 86 -23.68 1.64 7.08
N MET C 87 -23.83 2.96 7.05
CA MET C 87 -22.83 3.82 6.42
C MET C 87 -21.87 4.28 7.51
N GLN C 88 -20.78 3.54 7.68
CA GLN C 88 -19.77 3.82 8.70
C GLN C 88 -18.43 3.40 8.15
N PRO C 89 -17.78 4.25 7.36
CA PRO C 89 -16.62 3.79 6.58
C PRO C 89 -15.36 3.60 7.41
N GLY C 90 -15.32 4.07 8.65
CA GLY C 90 -14.15 3.89 9.47
C GLY C 90 -14.33 2.84 10.55
N LEU C 91 -15.57 2.69 11.03
CA LEU C 91 -15.89 1.73 12.10
C LEU C 91 -17.06 0.88 11.62
N ASN C 92 -16.76 -0.21 10.91
CA ASN C 92 -17.75 -1.19 10.54
C ASN C 92 -17.06 -2.50 10.26
N SER C 93 -17.79 -3.60 10.46
CA SER C 93 -17.27 -4.91 10.07
C SER C 93 -17.17 -5.03 8.56
N VAL C 94 -17.95 -4.25 7.82
CA VAL C 94 -18.01 -4.39 6.37
C VAL C 94 -16.76 -3.79 5.73
N PHE C 95 -16.57 -2.48 5.86
CA PHE C 95 -15.58 -1.77 5.05
C PHE C 95 -14.77 -0.78 5.91
N LYS C 96 -14.25 -1.27 7.02
CA LYS C 96 -13.14 -0.61 7.69
C LYS C 96 -11.80 -1.22 7.33
N ARG C 97 -11.80 -2.43 6.74
CA ARG C 97 -10.57 -3.07 6.32
C ARG C 97 -10.30 -2.90 4.83
N THR C 98 -11.12 -2.12 4.14
CA THR C 98 -10.86 -1.81 2.75
C THR C 98 -9.80 -0.73 2.63
N LEU C 99 -9.49 -0.35 1.40
CA LEU C 99 -8.48 0.67 1.16
C LEU C 99 -8.91 2.04 1.66
N LEU C 100 -10.21 2.34 1.58
CA LEU C 100 -10.71 3.59 2.13
C LEU C 100 -10.69 3.58 3.65
N GLY C 101 -11.12 2.48 4.25
CA GLY C 101 -11.24 2.43 5.70
C GLY C 101 -9.95 2.20 6.45
N GLU C 102 -8.87 1.81 5.77
CA GLU C 102 -7.59 1.65 6.45
C GLU C 102 -6.92 3.01 6.67
N ILE C 103 -6.99 3.89 5.68
CA ILE C 103 -6.48 5.24 5.84
C ILE C 103 -7.39 6.07 6.73
N LEU C 104 -8.69 5.73 6.80
CA LEU C 104 -9.59 6.44 7.70
C LEU C 104 -9.29 6.17 9.16
N ASN C 105 -8.75 4.99 9.47
CA ASN C 105 -8.44 4.69 10.86
C ASN C 105 -7.17 5.36 11.35
N TYR C 106 -6.40 5.99 10.47
CA TYR C 106 -5.28 6.83 10.89
C TYR C 106 -5.72 8.22 11.26
N TYR C 107 -7.00 8.56 11.08
CA TYR C 107 -7.51 9.89 11.36
C TYR C 107 -8.75 9.78 12.23
N ALA C 108 -9.13 10.88 12.87
CA ALA C 108 -10.29 10.91 13.75
C ALA C 108 -11.54 11.44 13.09
N HIS C 109 -11.41 12.50 12.28
CA HIS C 109 -12.54 13.09 11.59
C HIS C 109 -12.47 12.77 10.10
N TRP C 110 -13.63 12.68 9.46
CA TRP C 110 -13.71 12.49 8.02
C TRP C 110 -14.89 13.26 7.48
N SER C 111 -14.85 13.51 6.17
CA SER C 111 -15.90 14.25 5.49
C SER C 111 -15.87 13.91 4.01
N GLY C 112 -16.94 14.24 3.33
CA GLY C 112 -17.03 14.05 1.90
C GLY C 112 -17.99 12.94 1.52
N SER C 113 -18.04 12.67 0.22
CA SER C 113 -18.99 11.74 -0.37
C SER C 113 -18.27 10.47 -0.80
N VAL C 114 -18.93 9.34 -0.60
CA VAL C 114 -18.33 8.02 -0.81
C VAL C 114 -19.02 7.35 -1.99
N LYS C 115 -18.22 6.73 -2.86
CA LYS C 115 -18.72 6.01 -4.01
C LYS C 115 -18.83 4.52 -3.70
N LEU C 116 -19.82 3.87 -4.31
CA LEU C 116 -19.97 2.42 -4.26
C LEU C 116 -20.23 1.92 -5.67
N THR C 117 -19.32 1.10 -6.19
CA THR C 117 -19.40 0.58 -7.55
C THR C 117 -19.66 -0.91 -7.48
N PHE C 118 -20.60 -1.38 -8.31
CA PHE C 118 -21.11 -2.75 -8.24
C PHE C 118 -20.91 -3.42 -9.59
N VAL C 119 -20.09 -4.47 -9.61
CA VAL C 119 -19.86 -5.25 -10.82
C VAL C 119 -20.75 -6.48 -10.78
N PHE C 120 -21.41 -6.77 -11.91
CA PHE C 120 -22.22 -7.98 -12.05
C PHE C 120 -21.37 -9.02 -12.76
N CYS C 121 -21.03 -10.10 -12.05
CA CYS C 121 -20.14 -11.12 -12.57
C CYS C 121 -20.88 -12.40 -12.95
N GLY C 122 -22.12 -12.26 -13.42
CA GLY C 122 -22.87 -13.36 -13.97
C GLY C 122 -22.56 -13.55 -15.45
N SER C 123 -23.35 -14.43 -16.07
CA SER C 123 -23.13 -14.72 -17.48
C SER C 123 -23.61 -13.58 -18.36
N ALA C 124 -23.17 -13.60 -19.62
CA ALA C 124 -23.47 -12.51 -20.53
C ALA C 124 -24.86 -12.60 -21.14
N MET C 125 -25.61 -13.65 -20.84
CA MET C 125 -26.99 -13.80 -21.29
C MET C 125 -27.99 -13.50 -20.19
N ALA C 126 -27.52 -13.21 -18.98
CA ALA C 126 -28.41 -12.93 -17.87
C ALA C 126 -28.79 -11.46 -17.83
N THR C 127 -30.07 -11.20 -17.66
CA THR C 127 -30.60 -9.86 -17.52
C THR C 127 -30.74 -9.54 -16.04
N GLY C 128 -31.41 -8.45 -15.73
CA GLY C 128 -31.72 -8.12 -14.34
C GLY C 128 -31.75 -6.63 -14.12
N LYS C 129 -32.44 -6.23 -13.06
CA LYS C 129 -32.50 -4.85 -12.61
C LYS C 129 -32.52 -4.84 -11.09
N PHE C 130 -31.80 -3.89 -10.50
CA PHE C 130 -31.70 -3.78 -9.06
C PHE C 130 -31.96 -2.34 -8.63
N LEU C 131 -32.28 -2.17 -7.36
CA LEU C 131 -32.47 -0.86 -6.74
C LEU C 131 -31.38 -0.68 -5.69
N LEU C 132 -30.58 0.36 -5.84
CA LEU C 132 -29.45 0.63 -4.95
C LEU C 132 -29.77 1.89 -4.15
N ALA C 133 -30.22 1.72 -2.92
CA ALA C 133 -30.74 2.82 -2.12
C ALA C 133 -29.77 3.22 -1.02
N TYR C 134 -29.85 4.51 -0.64
CA TYR C 134 -29.15 5.05 0.51
C TYR C 134 -30.12 5.89 1.31
N SER C 135 -30.08 5.75 2.63
CA SER C 135 -31.07 6.39 3.49
C SER C 135 -30.38 7.26 4.54
N PRO C 136 -30.81 8.51 4.70
CA PRO C 136 -30.33 9.35 5.80
C PRO C 136 -30.77 8.79 7.15
N PRO C 137 -30.07 9.12 8.24
CA PRO C 137 -30.27 8.39 9.50
C PRO C 137 -31.42 8.87 10.37
N GLY C 138 -32.36 9.63 9.81
CA GLY C 138 -33.39 10.24 10.62
C GLY C 138 -34.39 9.25 11.20
N ALA C 139 -34.65 8.16 10.48
CA ALA C 139 -35.73 7.25 10.82
C ALA C 139 -35.21 5.81 10.88
N SER C 140 -36.16 4.88 10.98
CA SER C 140 -35.84 3.46 11.08
C SER C 140 -35.30 2.93 9.75
N PRO C 141 -34.51 1.86 9.78
CA PRO C 141 -34.04 1.29 8.51
C PRO C 141 -35.17 0.66 7.74
N PRO C 142 -35.11 0.67 6.41
CA PRO C 142 -36.19 0.10 5.60
C PRO C 142 -36.22 -1.42 5.65
N GLN C 143 -37.43 -1.97 5.55
CA GLN C 143 -37.64 -3.40 5.58
C GLN C 143 -38.12 -3.98 4.26
N ASN C 144 -38.51 -3.13 3.30
CA ASN C 144 -38.90 -3.59 1.98
C ASN C 144 -38.63 -2.49 0.98
N ARG C 145 -38.97 -2.74 -0.29
CA ARG C 145 -38.69 -1.78 -1.34
C ARG C 145 -39.68 -0.63 -1.39
N LYS C 146 -40.76 -0.68 -0.63
CA LYS C 146 -41.66 0.46 -0.54
C LYS C 146 -41.12 1.52 0.43
N GLN C 147 -40.38 1.11 1.45
CA GLN C 147 -39.72 2.05 2.34
C GLN C 147 -38.35 2.47 1.84
N ALA C 148 -37.75 1.71 0.93
CA ALA C 148 -36.41 1.99 0.45
C ALA C 148 -36.40 2.81 -0.83
N MET C 149 -37.55 2.97 -1.49
CA MET C 149 -37.60 3.79 -2.69
C MET C 149 -37.69 5.27 -2.39
N LEU C 150 -37.94 5.66 -1.14
CA LEU C 150 -38.11 7.07 -0.83
C LEU C 150 -36.77 7.78 -0.63
N GLY C 151 -35.72 7.05 -0.26
CA GLY C 151 -34.42 7.62 -0.10
C GLY C 151 -33.72 7.82 -1.43
N THR C 152 -32.43 8.17 -1.35
CA THR C 152 -31.62 8.32 -2.54
C THR C 152 -31.37 6.95 -3.15
N HIS C 153 -31.89 6.73 -4.35
CA HIS C 153 -31.78 5.42 -4.99
C HIS C 153 -31.53 5.59 -6.47
N VAL C 154 -30.75 4.67 -7.04
CA VAL C 154 -30.59 4.55 -8.48
C VAL C 154 -31.09 3.17 -8.87
N ILE C 155 -31.38 3.02 -10.16
CA ILE C 155 -31.84 1.75 -10.71
C ILE C 155 -30.81 1.30 -11.74
N TRP C 156 -30.29 0.10 -11.56
CA TRP C 156 -29.15 -0.40 -12.32
C TRP C 156 -29.67 -1.48 -13.27
N ASP C 157 -29.59 -1.20 -14.57
CA ASP C 157 -29.93 -2.16 -15.60
C ASP C 157 -28.66 -2.87 -16.05
N VAL C 158 -28.63 -4.19 -15.90
CA VAL C 158 -27.46 -4.97 -16.24
C VAL C 158 -27.46 -5.24 -17.73
N GLY C 159 -26.38 -4.84 -18.41
CA GLY C 159 -26.28 -5.01 -19.84
C GLY C 159 -24.86 -5.07 -20.33
N LEU C 160 -24.58 -4.35 -21.43
CA LEU C 160 -23.23 -4.33 -21.99
C LEU C 160 -22.25 -3.61 -21.08
N GLN C 161 -22.72 -2.63 -20.33
CA GLN C 161 -21.93 -1.96 -19.29
C GLN C 161 -22.31 -2.57 -17.95
N SER C 162 -21.37 -3.28 -17.33
CA SER C 162 -21.67 -4.13 -16.18
C SER C 162 -21.23 -3.50 -14.86
N SER C 163 -21.40 -2.19 -14.71
CA SER C 163 -21.09 -1.53 -13.46
C SER C 163 -22.02 -0.34 -13.28
N CYS C 164 -22.29 -0.01 -12.02
CA CYS C 164 -23.10 1.16 -11.69
C CYS C 164 -22.60 1.75 -10.40
N VAL C 165 -22.38 3.06 -10.41
CA VAL C 165 -21.83 3.78 -9.27
C VAL C 165 -22.98 4.42 -8.51
N LEU C 166 -23.28 3.89 -7.33
CA LEU C 166 -24.18 4.55 -6.40
C LEU C 166 -23.32 5.49 -5.56
N CYS C 167 -23.52 6.79 -5.74
CA CYS C 167 -22.69 7.80 -5.10
C CYS C 167 -23.44 8.35 -3.89
N ILE C 168 -23.01 7.95 -2.71
CA ILE C 168 -23.62 8.39 -1.45
C ILE C 168 -23.29 9.85 -1.22
N PRO C 169 -24.27 10.73 -1.08
CA PRO C 169 -23.99 12.14 -0.84
C PRO C 169 -23.54 12.37 0.60
N TRP C 170 -23.03 13.57 0.84
CA TRP C 170 -22.63 13.99 2.18
C TRP C 170 -23.76 14.82 2.76
N ILE C 171 -24.66 14.17 3.49
CA ILE C 171 -25.77 14.83 4.15
C ILE C 171 -25.57 14.69 5.65
N SER C 172 -25.25 15.79 6.32
CA SER C 172 -25.17 15.84 7.76
C SER C 172 -25.41 17.29 8.19
N GLN C 173 -25.45 17.51 9.49
CA GLN C 173 -25.52 18.86 10.01
C GLN C 173 -24.15 19.42 10.38
N THR C 174 -23.14 18.58 10.52
CA THR C 174 -21.79 19.00 10.83
C THR C 174 -20.93 18.92 9.59
N HIS C 175 -19.85 19.70 9.60
CA HIS C 175 -18.90 19.67 8.49
C HIS C 175 -18.06 18.42 8.48
N TYR C 176 -17.93 17.75 9.62
CA TYR C 176 -17.12 16.55 9.74
C TYR C 176 -17.86 15.52 10.57
N ARG C 177 -17.56 14.26 10.31
CA ARG C 177 -18.06 13.15 11.13
C ARG C 177 -16.87 12.46 11.79
N LEU C 178 -17.13 11.82 12.92
CA LEU C 178 -16.08 11.04 13.56
C LEU C 178 -15.83 9.76 12.77
N VAL C 179 -14.61 9.23 12.89
CA VAL C 179 -14.33 7.94 12.30
C VAL C 179 -14.90 6.83 13.17
N GLN C 180 -14.58 6.86 14.46
CA GLN C 180 -15.23 5.99 15.44
C GLN C 180 -16.56 6.63 15.78
N GLN C 181 -17.60 6.26 15.05
CA GLN C 181 -18.88 6.96 15.09
C GLN C 181 -19.66 6.60 16.36
N ASP C 182 -20.86 7.16 16.45
CA ASP C 182 -21.72 7.01 17.61
C ASP C 182 -23.15 7.28 17.18
N GLU C 183 -24.04 7.47 18.16
CA GLU C 183 -25.43 7.79 17.86
C GLU C 183 -25.60 9.22 17.37
N TYR C 184 -24.63 10.10 17.63
CA TYR C 184 -24.76 11.48 17.21
C TYR C 184 -24.43 11.65 15.73
N THR C 185 -23.26 11.18 15.30
CA THR C 185 -22.77 11.35 13.94
C THR C 185 -23.02 10.12 13.08
N SER C 186 -24.14 9.43 13.28
CA SER C 186 -24.50 8.33 12.42
C SER C 186 -24.87 8.84 11.03
N ALA C 187 -24.60 8.03 10.01
CA ALA C 187 -24.79 8.46 8.63
C ALA C 187 -25.94 7.78 7.91
N GLY C 188 -26.39 6.61 8.38
CA GLY C 188 -27.54 5.96 7.79
C GLY C 188 -27.22 4.55 7.33
N TYR C 189 -27.95 4.10 6.33
CA TYR C 189 -27.89 2.72 5.85
C TYR C 189 -27.80 2.68 4.34
N VAL C 190 -27.25 1.57 3.83
CA VAL C 190 -27.14 1.31 2.40
C VAL C 190 -27.76 -0.05 2.14
N THR C 191 -28.83 -0.08 1.37
CA THR C 191 -29.57 -1.30 1.09
C THR C 191 -29.58 -1.57 -0.42
N CYS C 192 -29.96 -2.80 -0.77
CA CYS C 192 -30.10 -3.19 -2.17
C CYS C 192 -31.24 -4.17 -2.30
N TRP C 193 -32.12 -3.93 -3.28
CA TRP C 193 -33.32 -4.72 -3.46
C TRP C 193 -33.50 -5.07 -4.93
N TYR C 194 -34.23 -6.16 -5.18
CA TYR C 194 -34.51 -6.57 -6.54
C TYR C 194 -35.56 -5.65 -7.15
N GLN C 195 -35.26 -5.10 -8.34
CA GLN C 195 -36.26 -4.34 -9.07
C GLN C 195 -37.17 -5.28 -9.84
N THR C 196 -36.61 -6.07 -10.75
CA THR C 196 -37.36 -7.07 -11.49
C THR C 196 -36.90 -8.49 -11.17
N GLY C 197 -35.62 -8.79 -11.35
CA GLY C 197 -35.10 -10.11 -11.08
C GLY C 197 -34.30 -10.67 -12.25
N LEU C 198 -33.62 -11.78 -11.98
CA LEU C 198 -32.77 -12.41 -12.97
C LEU C 198 -33.60 -13.29 -13.91
N ILE C 199 -33.41 -13.10 -15.20
CA ILE C 199 -34.03 -13.94 -16.23
C ILE C 199 -32.90 -14.51 -17.08
N VAL C 200 -32.68 -15.82 -16.98
CA VAL C 200 -31.59 -16.48 -17.70
C VAL C 200 -32.18 -17.41 -18.76
N PRO C 201 -31.49 -17.64 -19.88
CA PRO C 201 -31.98 -18.59 -20.88
C PRO C 201 -31.69 -20.01 -20.44
N PRO C 202 -32.33 -21.01 -21.07
CA PRO C 202 -32.00 -22.40 -20.74
C PRO C 202 -30.58 -22.76 -21.17
N GLY C 203 -29.86 -23.42 -20.26
CA GLY C 203 -28.47 -23.74 -20.47
C GLY C 203 -27.50 -22.78 -19.82
N ALA C 204 -27.98 -21.80 -19.07
CA ALA C 204 -27.21 -20.79 -18.38
C ALA C 204 -27.20 -21.07 -16.88
N PRO C 205 -26.18 -20.66 -16.15
CA PRO C 205 -26.18 -20.82 -14.69
C PRO C 205 -27.23 -19.93 -14.04
N PRO C 206 -28.07 -20.49 -13.16
CA PRO C 206 -29.21 -19.71 -12.66
C PRO C 206 -28.84 -18.65 -11.64
N SER C 207 -27.72 -18.82 -10.94
CA SER C 207 -27.32 -17.89 -9.89
C SER C 207 -26.03 -17.19 -10.28
N CYS C 208 -25.90 -15.93 -9.82
CA CYS C 208 -24.76 -15.10 -10.20
C CYS C 208 -24.07 -14.50 -8.99
N THR C 209 -23.17 -13.54 -9.22
CA THR C 209 -22.34 -12.96 -8.18
C THR C 209 -22.12 -11.48 -8.45
N ILE C 210 -22.39 -10.65 -7.46
CA ILE C 210 -22.14 -9.21 -7.53
C ILE C 210 -20.96 -8.89 -6.62
N LEU C 211 -20.04 -8.06 -7.10
CA LEU C 211 -18.93 -7.57 -6.29
C LEU C 211 -19.15 -6.10 -5.96
N CYS C 212 -18.68 -5.71 -4.78
CA CYS C 212 -18.85 -4.35 -4.28
C CYS C 212 -17.50 -3.66 -4.16
N PHE C 213 -17.45 -2.39 -4.56
CA PHE C 213 -16.24 -1.59 -4.50
C PHE C 213 -16.54 -0.33 -3.70
N ALA C 214 -15.50 0.28 -3.12
CA ALA C 214 -15.68 1.50 -2.34
C ALA C 214 -14.44 2.38 -2.49
N SER C 215 -14.67 3.65 -2.75
CA SER C 215 -13.60 4.63 -2.85
C SER C 215 -14.16 5.99 -2.49
N ALA C 216 -13.31 7.00 -2.55
CA ALA C 216 -13.68 8.36 -2.20
C ALA C 216 -13.87 9.20 -3.46
N CYS C 217 -14.62 10.29 -3.30
CA CYS C 217 -14.78 11.25 -4.37
C CYS C 217 -13.67 12.28 -4.29
N ASN C 218 -13.81 13.38 -5.03
CA ASN C 218 -12.80 14.44 -5.04
C ASN C 218 -13.06 15.50 -3.99
N ASP C 219 -14.07 15.32 -3.13
CA ASP C 219 -14.31 16.24 -2.02
C ASP C 219 -14.23 15.53 -0.68
N PHE C 220 -13.44 14.46 -0.61
CA PHE C 220 -13.22 13.75 0.64
C PHE C 220 -12.06 14.39 1.40
N SER C 221 -12.18 14.41 2.73
CA SER C 221 -11.16 15.01 3.57
C SER C 221 -11.08 14.26 4.88
N VAL C 222 -9.87 14.21 5.45
CA VAL C 222 -9.63 13.64 6.76
C VAL C 222 -8.87 14.66 7.60
N ARG C 223 -8.90 14.45 8.91
CA ARG C 223 -8.36 15.42 9.85
C ARG C 223 -8.04 14.68 11.14
N MET C 224 -7.16 15.27 11.96
CA MET C 224 -6.84 14.81 13.31
C MET C 224 -6.24 13.40 13.32
N LEU C 225 -4.97 13.30 12.89
CA LEU C 225 -4.22 12.04 12.92
C LEU C 225 -4.24 11.39 14.30
N ARG C 226 -4.36 10.06 14.30
CA ARG C 226 -4.22 9.27 15.50
C ARG C 226 -3.66 7.91 15.09
N ASP C 227 -3.32 7.09 16.07
CA ASP C 227 -2.83 5.75 15.81
C ASP C 227 -3.99 4.81 15.49
N THR C 228 -3.72 3.81 14.66
CA THR C 228 -4.80 2.88 14.35
C THR C 228 -5.00 1.89 15.49
N PRO C 229 -6.25 1.53 15.81
CA PRO C 229 -6.51 0.41 16.72
C PRO C 229 -6.58 -0.93 15.99
N PHE C 230 -5.62 -1.18 15.10
CA PHE C 230 -5.65 -2.33 14.23
C PHE C 230 -4.50 -3.28 14.42
N ILE C 231 -3.34 -2.80 14.88
CA ILE C 231 -2.17 -3.63 15.05
C ILE C 231 -1.66 -3.43 16.47
N GLU C 232 -1.13 -4.51 17.06
CA GLU C 232 -0.67 -4.50 18.44
C GLU C 232 0.64 -5.26 18.55
N GLN C 233 1.27 -5.16 19.72
CA GLN C 233 2.41 -5.97 20.08
C GLN C 233 2.51 -6.03 21.59
N THR C 234 3.32 -6.97 22.08
CA THR C 234 3.56 -7.12 23.50
C THR C 234 4.99 -6.77 23.88
N GLN C 235 5.98 -7.39 23.26
CA GLN C 235 7.38 -7.04 23.46
C GLN C 235 8.01 -6.67 22.12
N LEU C 236 9.30 -6.34 22.18
CA LEU C 236 10.05 -6.02 20.97
C LEU C 236 10.20 -7.25 20.09
N LEU C 237 10.05 -7.06 18.79
CA LEU C 237 10.19 -8.15 17.85
C LEU C 237 11.67 -8.46 17.63
N GLN C 238 12.05 -9.71 17.83
CA GLN C 238 13.40 -10.14 17.50
C GLN C 238 13.39 -10.95 16.20
N GLY D 1 17.95 36.39 4.16
CA GLY D 1 17.81 35.33 5.13
C GLY D 1 16.42 35.24 5.71
N ALA D 2 15.78 36.40 5.86
CA ALA D 2 14.42 36.45 6.38
C ALA D 2 13.45 35.99 5.31
N GLN D 3 13.06 34.71 5.37
CA GLN D 3 12.11 34.15 4.41
C GLN D 3 10.72 34.26 5.02
N VAL D 4 10.07 35.39 4.80
CA VAL D 4 8.75 35.65 5.36
C VAL D 4 7.71 34.86 4.57
N SER D 5 7.05 33.92 5.24
CA SER D 5 6.04 33.08 4.63
C SER D 5 4.75 33.20 5.44
N THR D 6 3.66 32.69 4.86
CA THR D 6 2.34 32.83 5.47
C THR D 6 2.04 31.66 6.39
N GLN D 7 1.24 31.94 7.42
CA GLN D 7 0.87 30.93 8.40
C GLN D 7 -0.28 30.07 7.87
N LYS D 8 -0.80 29.20 8.73
CA LYS D 8 -1.93 28.35 8.38
C LYS D 8 -3.17 28.88 9.09
N THR D 9 -4.14 29.35 8.29
CA THR D 9 -5.41 29.81 8.83
C THR D 9 -6.54 29.27 7.97
N GLY D 10 -7.72 29.19 8.56
CA GLY D 10 -8.88 28.67 7.87
C GLY D 10 -9.61 29.76 7.11
N ALA D 11 -9.98 29.44 5.86
CA ALA D 11 -10.75 30.36 5.04
C ALA D 11 -12.18 30.44 5.56
N HIS D 12 -12.74 31.64 5.59
CA HIS D 12 -14.06 31.86 6.15
C HIS D 12 -15.14 31.41 5.17
N THR D 23 -1.76 40.03 10.28
CA THR D 23 -0.60 39.41 10.89
C THR D 23 -0.68 37.90 10.77
N ILE D 24 -0.57 37.39 9.54
CA ILE D 24 -0.61 35.97 9.26
C ILE D 24 0.71 35.49 8.67
N HIS D 25 1.78 36.25 8.86
CA HIS D 25 3.08 35.90 8.33
C HIS D 25 4.02 35.49 9.45
N TYR D 26 4.95 34.59 9.13
CA TYR D 26 5.97 34.15 10.07
C TYR D 26 7.33 34.24 9.41
N THR D 27 8.38 34.19 10.24
CA THR D 27 9.75 34.39 9.80
C THR D 27 10.57 33.14 10.10
N ASN D 28 11.51 32.83 9.21
CA ASN D 28 12.30 31.60 9.35
C ASN D 28 13.71 31.84 8.82
N ILE D 29 14.71 31.47 9.63
CA ILE D 29 16.11 31.57 9.26
C ILE D 29 16.69 30.16 9.24
N ASN D 30 17.59 29.88 8.30
CA ASN D 30 18.32 28.63 8.28
C ASN D 30 19.65 28.85 8.98
N TYR D 31 19.83 28.22 10.15
CA TYR D 31 21.01 28.49 10.96
C TYR D 31 22.20 27.63 10.58
N TYR D 32 21.97 26.40 10.12
CA TYR D 32 23.04 25.44 9.93
C TYR D 32 23.35 25.27 8.44
N LYS D 33 24.55 24.72 8.19
CA LYS D 33 25.12 24.68 6.85
C LYS D 33 24.71 23.47 6.04
N ASP D 34 23.73 22.70 6.49
CA ASP D 34 23.34 21.47 5.82
C ASP D 34 21.86 21.50 5.52
N ALA D 35 21.48 20.95 4.36
CA ALA D 35 20.08 20.96 3.96
C ALA D 35 19.23 19.98 4.74
N ALA D 36 19.86 18.97 5.35
CA ALA D 36 19.14 18.04 6.21
C ALA D 36 18.87 18.62 7.59
N SER D 37 19.45 19.77 7.93
CA SER D 37 19.25 20.41 9.21
C SER D 37 17.98 21.25 9.27
N ASN D 38 17.31 21.47 8.15
CA ASN D 38 16.19 22.37 8.08
C ASN D 38 14.96 21.79 8.78
N SER D 39 13.92 22.61 8.88
CA SER D 39 12.65 22.16 9.40
C SER D 39 11.87 21.43 8.31
N ALA D 40 10.71 20.88 8.67
CA ALA D 40 9.95 20.05 7.76
C ALA D 40 9.23 20.90 6.71
N ASN D 41 9.07 20.32 5.52
CA ASN D 41 8.37 20.99 4.41
C ASN D 41 6.87 20.73 4.52
N ARG D 42 6.28 21.29 5.57
CA ARG D 42 4.89 21.01 5.91
C ARG D 42 3.89 21.74 5.03
N GLN D 43 4.33 22.63 4.15
CA GLN D 43 3.41 23.44 3.35
C GLN D 43 3.66 23.24 1.86
N ASP D 44 3.89 22.01 1.44
CA ASP D 44 3.94 21.63 0.04
C ASP D 44 2.75 20.72 -0.22
N PHE D 45 1.72 21.26 -0.87
CA PHE D 45 0.42 20.62 -0.96
C PHE D 45 0.07 20.26 -2.40
N THR D 46 1.04 19.74 -3.15
CA THR D 46 0.74 19.27 -4.48
C THR D 46 0.14 17.86 -4.42
N GLN D 47 -0.52 17.47 -5.51
CA GLN D 47 -1.11 16.15 -5.64
C GLN D 47 -1.36 15.87 -7.11
N ASP D 48 -1.37 14.57 -7.44
CA ASP D 48 -1.66 14.13 -8.81
C ASP D 48 -2.23 12.73 -8.69
N PRO D 49 -3.55 12.61 -8.48
CA PRO D 49 -4.15 11.29 -8.29
C PRO D 49 -4.51 10.57 -9.58
N SER D 50 -4.16 11.14 -10.73
CA SER D 50 -4.51 10.51 -12.01
C SER D 50 -3.65 9.29 -12.31
N LYS D 51 -2.53 9.12 -11.62
CA LYS D 51 -1.65 7.99 -11.90
C LYS D 51 -2.22 6.68 -11.36
N PHE D 52 -3.03 6.75 -10.31
CA PHE D 52 -3.64 5.57 -9.73
C PHE D 52 -5.13 5.45 -10.01
N THR D 53 -5.82 6.58 -10.20
CA THR D 53 -7.25 6.54 -10.50
C THR D 53 -7.49 6.29 -11.97
N GLU D 54 -6.72 6.94 -12.85
CA GLU D 54 -6.88 6.81 -14.30
C GLU D 54 -5.55 6.45 -14.95
N PRO D 55 -5.04 5.20 -14.75
CA PRO D 55 -3.77 4.79 -15.34
C PRO D 55 -3.93 4.19 -16.73
N MET D 56 -4.68 4.86 -17.59
CA MET D 56 -5.05 4.32 -18.89
C MET D 56 -4.15 4.87 -19.98
N LYS D 57 -4.17 4.17 -21.13
CA LYS D 57 -3.51 4.67 -22.33
C LYS D 57 -4.38 5.68 -23.07
N ASP D 58 -5.69 5.48 -23.06
CA ASP D 58 -6.64 6.39 -23.69
C ASP D 58 -7.43 7.13 -22.60
N VAL D 59 -7.61 8.43 -22.80
CA VAL D 59 -8.32 9.25 -21.83
C VAL D 59 -9.81 8.90 -21.90
N MET D 60 -10.38 8.54 -20.75
CA MET D 60 -11.76 8.08 -20.66
C MET D 60 -12.65 9.23 -20.21
N ILE D 61 -13.72 9.45 -20.95
CA ILE D 61 -14.71 10.48 -20.63
C ILE D 61 -15.79 9.84 -19.76
N LYS D 62 -16.30 10.62 -18.79
CA LYS D 62 -17.35 10.11 -17.92
C LYS D 62 -18.65 9.89 -18.67
N SER D 63 -19.10 10.92 -19.40
CA SER D 63 -20.42 10.87 -20.04
C SER D 63 -20.44 9.92 -21.23
N LEU D 64 -19.32 9.81 -21.94
CA LEU D 64 -19.23 8.83 -23.01
C LEU D 64 -19.15 7.42 -22.41
N PRO D 65 -19.74 6.42 -23.06
CA PRO D 65 -19.66 5.05 -22.54
C PRO D 65 -18.25 4.48 -22.66
N ALA D 66 -17.91 3.62 -21.70
CA ALA D 66 -16.59 2.99 -21.70
C ALA D 66 -16.47 1.98 -22.83
N LEU D 67 -17.41 1.05 -22.93
CA LEU D 67 -17.39 0.04 -23.97
C LEU D 67 -18.60 0.17 -24.88
#